data_4JGT
#
_entry.id   4JGT
#
_cell.length_a   110.737
_cell.length_b   171.859
_cell.length_c   72.984
_cell.angle_alpha   90.00
_cell.angle_beta   117.18
_cell.angle_gamma   90.00
#
_symmetry.space_group_name_H-M   'C 1 2 1'
#
loop_
_entity.id
_entity.type
_entity.pdbx_description
1 polymer '3-mercaptopyruvate sulfurtransferase'
2 non-polymer 'PYRUVIC ACID'
3 non-polymer 'SULFATE ION'
4 non-polymer GLYCEROL
5 water water
#
_entity_poly.entity_id   1
_entity_poly.type   'polypeptide(L)'
_entity_poly.pdbx_seq_one_letter_code
;MGSSHHHHHHSSGLVPRGSHVSAQWVAEALRAPRAGQPLQLLDASWYLPKLGRDARREFEERHIPGAAFFDIDQCSDRTS
PYDHMLPGAEHFAEYAGRLGVGAATHVVIYDASDQGLYSAPRVWWMFRAFGHHAVSLLDGGLRHWLRQNLPLSSGKSQPA
PAEFRAQLDPAFIKTYEDIKENLESRRFQVVDSRATGRFRGTEPEPRDGIEPGHIPGTVNIPFTDFLSQEGLEKSPEEIR
HLFQEKKVDLSKPLVAT(CSS)GSGVTACHVALGAYLCGKPDVPIYDGSWVEWYMRARPEDVI
;
_entity_poly.pdbx_strand_id   A,B,C
#
# COMPACT_ATOMS: atom_id res chain seq x y z
N SER A 19 21.31 1.06 -21.42
CA SER A 19 21.08 -0.40 -21.11
C SER A 19 19.85 -0.62 -20.20
N HIS A 20 18.73 -0.93 -20.83
CA HIS A 20 17.62 -1.63 -20.20
C HIS A 20 17.75 -3.10 -20.45
N VAL A 21 17.70 -3.91 -19.39
CA VAL A 21 17.75 -5.34 -19.54
C VAL A 21 16.41 -5.92 -19.16
N SER A 22 16.06 -7.02 -19.81
CA SER A 22 14.79 -7.69 -19.53
C SER A 22 14.95 -8.67 -18.37
N ALA A 23 13.82 -9.17 -17.88
CA ALA A 23 13.80 -10.15 -16.79
C ALA A 23 14.51 -11.42 -17.23
N GLN A 24 14.30 -11.75 -18.50
CA GLN A 24 14.87 -12.88 -19.16
C GLN A 24 16.43 -12.72 -19.20
N TRP A 25 16.92 -11.50 -19.42
CA TRP A 25 18.35 -11.19 -19.38
C TRP A 25 18.91 -11.44 -18.01
N VAL A 26 18.22 -10.94 -16.99
CA VAL A 26 18.68 -11.11 -15.61
C VAL A 26 18.62 -12.60 -15.20
N ALA A 27 17.55 -13.29 -15.56
CA ALA A 27 17.41 -14.70 -15.22
C ALA A 27 18.56 -15.53 -15.78
N GLU A 28 18.95 -15.25 -17.01
CA GLU A 28 20.11 -15.93 -17.61
C GLU A 28 21.43 -15.52 -16.94
N ALA A 29 21.58 -14.24 -16.63
CA ALA A 29 22.81 -13.73 -15.97
C ALA A 29 23.05 -14.42 -14.64
N LEU A 30 21.97 -14.69 -13.90
CA LEU A 30 22.00 -15.48 -12.65
C LEU A 30 22.40 -16.94 -12.84
N ARG A 31 21.88 -17.58 -13.88
CA ARG A 31 22.24 -18.96 -14.21
C ARG A 31 23.67 -19.07 -14.70
N ALA A 32 24.17 -18.03 -15.35
CA ALA A 32 25.40 -18.12 -16.13
C ALA A 32 26.26 -16.86 -16.02
N PRO A 33 26.94 -16.71 -14.88
CA PRO A 33 27.89 -15.60 -14.80
C PRO A 33 29.00 -15.71 -15.85
N ARG A 34 29.68 -14.61 -16.12
CA ARG A 34 30.80 -14.60 -17.02
C ARG A 34 32.05 -14.16 -16.28
N ALA A 35 33.14 -14.94 -16.41
CA ALA A 35 34.35 -14.76 -15.60
C ALA A 35 34.90 -13.33 -15.61
N GLY A 36 35.17 -12.79 -14.43
CA GLY A 36 35.84 -11.50 -14.30
C GLY A 36 34.89 -10.32 -14.40
N GLN A 37 33.60 -10.62 -14.58
CA GLN A 37 32.58 -9.59 -14.78
C GLN A 37 31.29 -9.90 -14.05
N PRO A 38 31.35 -9.93 -12.73
CA PRO A 38 30.19 -10.27 -11.92
C PRO A 38 29.04 -9.26 -12.03
N LEU A 39 27.84 -9.79 -11.90
CA LEU A 39 26.60 -9.04 -11.74
C LEU A 39 26.36 -8.73 -10.26
N GLN A 40 25.88 -7.53 -9.97
CA GLN A 40 25.27 -7.24 -8.68
C GLN A 40 23.92 -6.57 -8.86
N LEU A 41 22.86 -7.30 -8.53
CA LEU A 41 21.53 -6.73 -8.49
C LEU A 41 21.39 -5.84 -7.28
N LEU A 42 20.82 -4.66 -7.49
CA LEU A 42 20.42 -3.79 -6.39
C LEU A 42 18.93 -3.47 -6.46
N ASP A 43 18.26 -3.65 -5.33
CA ASP A 43 16.92 -3.15 -5.13
C ASP A 43 17.06 -1.76 -4.56
N ALA A 44 16.65 -0.75 -5.33
CA ALA A 44 16.71 0.65 -4.94
C ALA A 44 15.32 1.22 -4.70
N SER A 45 14.38 0.38 -4.30
CA SER A 45 13.05 0.81 -3.94
C SER A 45 13.10 1.92 -2.88
N TRP A 46 12.27 2.94 -3.11
CA TRP A 46 12.17 4.09 -2.23
C TRP A 46 10.82 4.67 -2.48
N TYR A 47 10.13 5.09 -1.44
CA TYR A 47 8.74 5.61 -1.58
C TYR A 47 8.59 6.86 -0.75
N LEU A 48 7.75 7.79 -1.21
CA LEU A 48 7.30 8.88 -0.35
C LEU A 48 6.58 8.27 0.87
N PRO A 49 6.79 8.85 2.05
CA PRO A 49 6.03 8.43 3.24
C PRO A 49 4.51 8.10 3.11
N LYS A 50 3.75 8.95 2.42
CA LYS A 50 2.30 8.74 2.27
C LYS A 50 1.85 7.40 1.63
N LEU A 51 2.76 6.69 0.95
CA LEU A 51 2.40 5.37 0.43
C LEU A 51 2.32 4.33 1.55
N GLY A 52 2.97 4.63 2.68
CA GLY A 52 3.01 3.73 3.84
C GLY A 52 3.87 2.48 3.67
N ARG A 53 4.70 2.43 2.62
CA ARG A 53 5.53 1.27 2.36
C ARG A 53 6.88 1.41 3.09
N ASP A 54 7.43 0.31 3.57
CA ASP A 54 8.77 0.27 4.10
C ASP A 54 9.64 -0.56 3.13
N ALA A 55 10.51 0.13 2.41
CA ALA A 55 11.21 -0.44 1.28
C ALA A 55 12.14 -1.53 1.72
N ARG A 56 12.90 -1.27 2.79
CA ARG A 56 13.84 -2.24 3.33
C ARG A 56 13.16 -3.50 3.87
N ARG A 57 12.04 -3.35 4.61
CA ARG A 57 11.32 -4.51 5.09
C ARG A 57 10.75 -5.29 3.91
N GLU A 58 10.33 -4.59 2.88
CA GLU A 58 9.85 -5.28 1.71
C GLU A 58 10.94 -6.06 0.96
N PHE A 59 12.18 -5.56 1.01
CA PHE A 59 13.29 -6.24 0.38
C PHE A 59 13.50 -7.57 1.11
N GLU A 60 13.36 -7.54 2.44
CA GLU A 60 13.54 -8.73 3.29
C GLU A 60 12.43 -9.74 3.16
N GLU A 61 11.23 -9.28 2.84
CA GLU A 61 10.10 -10.13 2.46
C GLU A 61 10.32 -10.82 1.10
N ARG A 62 10.71 -10.07 0.07
CA ARG A 62 11.12 -10.68 -1.19
C ARG A 62 12.04 -9.79 -2.01
N HIS A 63 12.96 -10.46 -2.70
CA HIS A 63 13.84 -9.82 -3.64
C HIS A 63 14.38 -10.82 -4.61
N ILE A 64 14.95 -10.35 -5.70
CA ILE A 64 15.52 -11.26 -6.71
C ILE A 64 16.80 -11.88 -6.14
N PRO A 65 16.99 -13.21 -6.34
CA PRO A 65 18.16 -13.83 -5.69
C PRO A 65 19.47 -13.14 -6.02
N GLY A 66 20.30 -12.99 -5.00
CA GLY A 66 21.56 -12.28 -5.11
C GLY A 66 21.43 -10.78 -4.88
N ALA A 67 20.20 -10.24 -4.85
CA ALA A 67 20.06 -8.78 -4.75
C ALA A 67 20.52 -8.26 -3.39
N ALA A 68 21.01 -7.04 -3.37
CA ALA A 68 21.21 -6.28 -2.16
C ALA A 68 20.32 -5.04 -2.22
N PHE A 69 20.06 -4.45 -1.05
CA PHE A 69 19.21 -3.28 -0.94
C PHE A 69 20.07 -2.04 -0.98
N PHE A 70 19.80 -1.17 -1.94
CA PHE A 70 20.50 0.10 -2.01
C PHE A 70 19.52 1.16 -1.51
N ASP A 71 19.92 1.87 -0.46
CA ASP A 71 19.07 2.83 0.27
C ASP A 71 19.53 4.23 -0.06
N ILE A 72 18.69 4.91 -0.84
CA ILE A 72 18.99 6.22 -1.40
C ILE A 72 19.00 7.30 -0.32
N ASP A 73 18.25 7.09 0.74
CA ASP A 73 18.31 7.99 1.89
C ASP A 73 19.54 7.82 2.77
N GLN A 74 20.19 6.64 2.75
CA GLN A 74 21.44 6.45 3.46
C GLN A 74 22.63 6.83 2.59
N CYS A 75 22.59 6.46 1.32
CA CYS A 75 23.67 6.84 0.42
C CYS A 75 23.50 8.26 -0.14
N SER A 76 23.62 9.25 0.74
CA SER A 76 23.34 10.63 0.40
C SER A 76 24.16 11.62 1.22
N ASP A 77 24.11 12.89 0.85
CA ASP A 77 24.88 13.91 1.56
C ASP A 77 24.53 13.90 3.05
N ARG A 78 25.57 13.80 3.87
CA ARG A 78 25.40 13.68 5.32
C ARG A 78 25.11 14.98 6.05
N THR A 79 25.32 16.11 5.39
CA THR A 79 25.14 17.42 6.02
C THR A 79 23.82 18.10 5.62
N SER A 80 23.49 18.05 4.33
CA SER A 80 22.30 18.71 3.80
C SER A 80 21.04 18.38 4.59
N PRO A 81 20.15 19.36 4.77
CA PRO A 81 18.87 19.07 5.38
C PRO A 81 17.90 18.39 4.42
N TYR A 82 18.25 18.38 3.14
CA TYR A 82 17.40 17.74 2.14
C TYR A 82 17.78 16.28 2.08
N ASP A 83 16.76 15.45 1.95
CA ASP A 83 16.99 14.02 1.81
C ASP A 83 17.50 13.68 0.41
N HIS A 84 18.22 12.56 0.35
CA HIS A 84 18.82 12.01 -0.85
C HIS A 84 19.37 13.01 -1.85
N MET A 85 20.17 13.94 -1.33
CA MET A 85 21.09 14.73 -2.13
C MET A 85 22.27 13.83 -2.47
N LEU A 86 22.91 14.04 -3.62
CA LEU A 86 24.06 13.22 -3.98
C LEU A 86 25.10 13.19 -2.89
N PRO A 87 25.64 11.99 -2.59
CA PRO A 87 26.71 11.97 -1.62
C PRO A 87 28.02 12.45 -2.20
N GLY A 88 28.99 12.67 -1.35
CA GLY A 88 30.37 12.75 -1.82
C GLY A 88 30.84 11.42 -2.44
N ALA A 89 31.89 11.51 -3.24
CA ALA A 89 32.43 10.33 -3.95
C ALA A 89 32.98 9.25 -3.00
N GLU A 90 33.67 9.66 -1.95
CA GLU A 90 34.24 8.71 -1.00
C GLU A 90 33.12 7.92 -0.32
N HIS A 91 32.09 8.64 0.09
CA HIS A 91 30.93 8.03 0.70
C HIS A 91 30.27 7.10 -0.28
N PHE A 92 30.11 7.53 -1.53
CA PHE A 92 29.44 6.66 -2.48
C PHE A 92 30.22 5.34 -2.67
N ALA A 93 31.56 5.45 -2.75
CA ALA A 93 32.41 4.33 -3.02
C ALA A 93 32.40 3.34 -1.87
N GLU A 94 32.54 3.87 -0.65
CA GLU A 94 32.36 3.07 0.59
C GLU A 94 31.06 2.32 0.62
N TYR A 95 29.96 3.00 0.34
CA TYR A 95 28.66 2.38 0.42
C TYR A 95 28.47 1.31 -0.67
N ALA A 96 28.82 1.63 -1.91
CA ALA A 96 28.62 0.69 -3.00
C ALA A 96 29.51 -0.52 -2.77
N GLY A 97 30.72 -0.28 -2.28
CA GLY A 97 31.66 -1.39 -2.06
C GLY A 97 31.10 -2.37 -1.03
N ARG A 98 30.55 -1.83 0.04
CA ARG A 98 29.92 -2.64 1.09
C ARG A 98 28.69 -3.39 0.58
N LEU A 99 28.08 -2.93 -0.52
CA LEU A 99 27.05 -3.72 -1.19
C LEU A 99 27.58 -4.67 -2.27
N GLY A 100 28.89 -4.82 -2.38
CA GLY A 100 29.48 -5.85 -3.23
C GLY A 100 29.70 -5.41 -4.66
N VAL A 101 29.74 -4.10 -4.87
CA VAL A 101 30.02 -3.57 -6.19
C VAL A 101 31.48 -3.17 -6.26
N GLY A 102 32.20 -3.77 -7.20
CA GLY A 102 33.57 -3.36 -7.49
C GLY A 102 33.67 -2.74 -8.88
N ALA A 103 34.83 -2.19 -9.19
CA ALA A 103 35.10 -1.63 -10.53
C ALA A 103 34.60 -2.53 -11.69
N ALA A 104 34.78 -3.84 -11.56
CA ALA A 104 34.46 -4.80 -12.66
C ALA A 104 32.98 -5.23 -12.71
N THR A 105 32.20 -4.76 -11.74
CA THR A 105 30.87 -5.26 -11.51
C THR A 105 29.89 -4.61 -12.45
N HIS A 106 29.10 -5.43 -13.13
CA HIS A 106 27.96 -4.94 -13.91
C HIS A 106 26.82 -4.84 -12.94
N VAL A 107 26.39 -3.60 -12.66
CA VAL A 107 25.34 -3.34 -11.68
C VAL A 107 24.01 -3.33 -12.41
N VAL A 108 23.02 -3.99 -11.84
CA VAL A 108 21.69 -3.99 -12.43
C VAL A 108 20.73 -3.59 -11.32
N ILE A 109 19.92 -2.56 -11.57
CA ILE A 109 19.11 -1.95 -10.53
C ILE A 109 17.64 -2.12 -10.85
N TYR A 110 16.87 -2.45 -9.83
CA TYR A 110 15.43 -2.50 -9.97
C TYR A 110 14.77 -1.89 -8.75
N ASP A 111 13.44 -1.81 -8.76
CA ASP A 111 12.69 -1.45 -7.58
C ASP A 111 11.37 -2.23 -7.69
N ALA A 112 10.59 -2.22 -6.61
CA ALA A 112 9.32 -2.93 -6.55
C ALA A 112 8.07 -2.03 -6.66
N SER A 113 8.21 -0.88 -7.31
CA SER A 113 7.15 0.09 -7.42
C SER A 113 5.98 -0.46 -8.24
N ASP A 114 4.80 0.07 -7.94
CA ASP A 114 3.58 -0.22 -8.69
C ASP A 114 3.70 0.20 -10.14
N GLN A 115 4.48 1.25 -10.42
CA GLN A 115 4.65 1.78 -11.78
C GLN A 115 5.67 1.00 -12.62
N GLY A 116 6.36 0.03 -12.02
CA GLY A 116 7.34 -0.77 -12.75
C GLY A 116 8.77 -0.37 -12.42
N LEU A 117 9.10 0.89 -12.69
CA LEU A 117 10.30 1.51 -12.15
C LEU A 117 9.98 2.92 -11.70
N TYR A 118 10.53 3.30 -10.56
CA TYR A 118 10.18 4.54 -9.90
C TYR A 118 11.44 5.24 -9.43
N SER A 119 12.17 4.60 -8.51
CA SER A 119 13.39 5.16 -7.95
C SER A 119 14.64 4.49 -8.50
N ALA A 120 14.50 3.39 -9.26
CA ALA A 120 15.69 2.72 -9.79
C ALA A 120 16.52 3.65 -10.70
N PRO A 121 15.85 4.44 -11.56
CA PRO A 121 16.62 5.26 -12.48
C PRO A 121 17.54 6.24 -11.77
N ARG A 122 17.10 6.68 -10.60
CA ARG A 122 17.92 7.57 -9.81
C ARG A 122 19.26 6.91 -9.49
N VAL A 123 19.26 5.62 -9.12
CA VAL A 123 20.50 4.98 -8.73
C VAL A 123 21.38 4.62 -9.96
N TRP A 124 20.72 4.28 -11.06
CA TRP A 124 21.39 4.16 -12.38
C TRP A 124 22.12 5.43 -12.71
N TRP A 125 21.42 6.55 -12.59
CA TRP A 125 22.02 7.84 -12.80
C TRP A 125 23.15 8.14 -11.82
N MET A 126 23.01 7.76 -10.56
CA MET A 126 24.10 8.02 -9.59
C MET A 126 25.36 7.24 -9.97
N PHE A 127 25.23 5.99 -10.39
CA PHE A 127 26.41 5.20 -10.75
C PHE A 127 27.14 5.82 -11.93
N ARG A 128 26.37 6.27 -12.91
CA ARG A 128 26.96 6.97 -14.05
C ARG A 128 27.69 8.25 -13.63
N ALA A 129 27.05 9.04 -12.76
CA ALA A 129 27.65 10.28 -12.29
C ALA A 129 28.95 10.05 -11.53
N PHE A 130 29.07 8.91 -10.84
CA PHE A 130 30.30 8.63 -10.11
C PHE A 130 31.32 7.85 -10.91
N GLY A 131 31.09 7.73 -12.21
CA GLY A 131 32.06 7.16 -13.12
C GLY A 131 31.94 5.67 -13.43
N HIS A 132 30.83 5.04 -13.09
CA HIS A 132 30.68 3.63 -13.35
C HIS A 132 29.61 3.40 -14.38
N HIS A 133 30.02 3.10 -15.61
CA HIS A 133 29.10 3.05 -16.72
C HIS A 133 28.45 1.70 -16.97
N ALA A 134 28.99 0.65 -16.35
CA ALA A 134 28.45 -0.72 -16.48
C ALA A 134 27.28 -0.84 -15.52
N VAL A 135 26.16 -0.27 -15.92
CA VAL A 135 25.01 -0.14 -15.06
C VAL A 135 23.78 -0.14 -15.94
N SER A 136 22.80 -0.95 -15.53
CA SER A 136 21.60 -1.17 -16.32
C SER A 136 20.41 -1.15 -15.39
N LEU A 137 19.23 -1.09 -15.99
CA LEU A 137 17.98 -1.07 -15.28
C LEU A 137 17.14 -2.28 -15.71
N LEU A 138 16.58 -2.97 -14.74
CA LEU A 138 15.63 -4.07 -15.02
C LEU A 138 14.28 -3.51 -15.43
N ASP A 139 13.97 -3.64 -16.71
CA ASP A 139 12.71 -3.16 -17.28
C ASP A 139 11.51 -3.82 -16.59
N GLY A 140 10.61 -3.02 -16.04
CA GLY A 140 9.45 -3.54 -15.37
C GLY A 140 9.65 -3.89 -13.91
N GLY A 141 10.89 -3.87 -13.43
CA GLY A 141 11.13 -4.08 -12.02
C GLY A 141 10.59 -5.36 -11.46
N LEU A 142 10.34 -5.34 -10.16
CA LEU A 142 9.89 -6.53 -9.47
C LEU A 142 8.45 -6.83 -9.86
N ARG A 143 7.72 -5.80 -10.24
CA ARG A 143 6.36 -5.99 -10.70
C ARG A 143 6.33 -6.93 -11.90
N HIS A 144 7.19 -6.69 -12.89
CA HIS A 144 7.17 -7.57 -14.05
C HIS A 144 7.74 -8.94 -13.75
N TRP A 145 8.75 -8.98 -12.90
CA TRP A 145 9.38 -10.20 -12.47
C TRP A 145 8.35 -11.14 -11.83
N LEU A 146 7.50 -10.56 -10.98
CA LEU A 146 6.50 -11.30 -10.26
C LEU A 146 5.45 -11.85 -11.21
N ARG A 147 5.08 -11.08 -12.22
CA ARG A 147 4.11 -11.53 -13.21
C ARG A 147 4.69 -12.62 -14.07
N GLN A 148 5.99 -12.60 -14.30
CA GLN A 148 6.62 -13.69 -15.02
C GLN A 148 6.82 -14.96 -14.16
N ASN A 149 6.44 -14.95 -12.89
CA ASN A 149 6.57 -16.15 -12.05
C ASN A 149 8.03 -16.53 -11.84
N LEU A 150 8.94 -15.56 -11.91
CA LEU A 150 10.38 -15.82 -11.77
C LEU A 150 10.73 -16.03 -10.28
N PRO A 151 11.88 -16.65 -9.98
CA PRO A 151 12.26 -16.98 -8.60
C PRO A 151 12.56 -15.81 -7.65
N LEU A 152 12.22 -16.02 -6.38
CA LEU A 152 12.41 -15.04 -5.33
C LEU A 152 13.26 -15.62 -4.23
N SER A 153 13.98 -14.74 -3.53
CA SER A 153 14.58 -15.07 -2.25
C SER A 153 14.06 -14.08 -1.21
N SER A 154 14.56 -14.19 0.00
CA SER A 154 14.12 -13.31 1.08
C SER A 154 15.22 -13.23 2.10
N GLY A 155 14.99 -12.47 3.16
CA GLY A 155 15.97 -12.28 4.22
C GLY A 155 16.93 -11.16 3.88
N LYS A 156 17.78 -10.81 4.84
CA LYS A 156 18.85 -9.85 4.61
C LYS A 156 19.88 -10.45 3.67
N SER A 157 20.49 -9.61 2.85
CA SER A 157 21.39 -10.11 1.82
C SER A 157 22.65 -9.29 1.82
N GLN A 158 23.73 -9.96 2.20
CA GLN A 158 25.00 -9.31 2.40
C GLN A 158 26.04 -9.94 1.45
N PRO A 159 26.31 -9.27 0.33
CA PRO A 159 27.31 -9.82 -0.58
C PRO A 159 28.73 -9.58 -0.09
N ALA A 160 29.68 -10.28 -0.67
CA ALA A 160 31.07 -10.07 -0.34
C ALA A 160 31.48 -8.61 -0.60
N PRO A 161 32.07 -7.95 0.40
CA PRO A 161 32.55 -6.59 0.20
C PRO A 161 33.50 -6.47 -1.00
N ALA A 162 33.42 -5.37 -1.73
CA ALA A 162 34.28 -5.15 -2.88
C ALA A 162 34.92 -3.77 -2.76
N GLU A 163 35.93 -3.52 -3.59
CA GLU A 163 36.62 -2.23 -3.65
C GLU A 163 36.12 -1.42 -4.85
N PHE A 164 35.61 -0.24 -4.55
CA PHE A 164 34.99 0.61 -5.55
C PHE A 164 35.68 1.96 -5.52
N ARG A 165 35.98 2.52 -6.68
CA ARG A 165 36.53 3.85 -6.80
C ARG A 165 35.51 4.71 -7.52
N ALA A 166 35.30 5.92 -7.01
CA ALA A 166 34.26 6.80 -7.52
C ALA A 166 34.86 8.18 -7.73
N GLN A 167 34.30 8.92 -8.68
CA GLN A 167 34.68 10.29 -8.97
C GLN A 167 33.50 11.00 -9.64
N LEU A 168 33.04 12.06 -8.99
CA LEU A 168 31.83 12.74 -9.42
C LEU A 168 32.12 13.60 -10.63
N ASP A 169 31.34 13.45 -11.69
CA ASP A 169 31.34 14.43 -12.79
C ASP A 169 30.27 15.48 -12.47
N PRO A 170 30.71 16.71 -12.08
CA PRO A 170 29.77 17.77 -11.68
C PRO A 170 28.74 18.16 -12.77
N ALA A 171 29.08 17.97 -14.02
CA ALA A 171 28.12 18.21 -15.10
C ALA A 171 26.80 17.41 -14.99
N PHE A 172 26.74 16.40 -14.12
CA PHE A 172 25.51 15.63 -13.95
C PHE A 172 24.45 16.34 -13.09
N ILE A 173 24.86 17.44 -12.48
CA ILE A 173 24.11 18.12 -11.42
C ILE A 173 23.85 19.57 -11.83
N LYS A 174 22.64 20.08 -11.59
CA LYS A 174 22.39 21.52 -11.56
C LYS A 174 21.98 21.95 -10.15
N THR A 175 22.40 23.16 -9.77
CA THR A 175 22.10 23.71 -8.47
C THR A 175 20.97 24.74 -8.56
N TYR A 176 20.50 25.18 -7.39
CA TYR A 176 19.48 26.21 -7.31
C TYR A 176 19.86 27.43 -8.15
N GLU A 177 21.09 27.93 -7.95
CA GLU A 177 21.56 29.10 -8.69
C GLU A 177 21.50 28.91 -10.19
N ASP A 178 21.96 27.75 -10.66
CA ASP A 178 21.86 27.39 -12.06
C ASP A 178 20.46 27.53 -12.61
N ILE A 179 19.49 27.03 -11.86
CA ILE A 179 18.10 27.06 -12.29
C ILE A 179 17.61 28.50 -12.25
N LYS A 180 18.05 29.23 -11.25
CA LYS A 180 17.65 30.60 -11.10
C LYS A 180 18.15 31.47 -12.26
N GLU A 181 19.44 31.39 -12.54
CA GLU A 181 20.04 32.14 -13.65
C GLU A 181 19.49 31.70 -15.02
N ASN A 182 19.07 30.44 -15.13
CA ASN A 182 18.53 29.96 -16.39
C ASN A 182 17.17 30.54 -16.70
N LEU A 183 16.49 31.11 -15.72
CA LEU A 183 15.22 31.76 -15.98
C LEU A 183 15.44 32.98 -16.86
N GLU A 184 16.63 33.59 -16.78
CA GLU A 184 17.01 34.69 -17.67
C GLU A 184 17.59 34.16 -18.99
N SER A 185 18.68 33.43 -18.89
CA SER A 185 19.44 33.03 -20.06
C SER A 185 18.83 31.91 -20.91
N ARG A 186 17.94 31.10 -20.36
CA ARG A 186 17.34 29.96 -21.07
C ARG A 186 18.36 29.09 -21.86
N ARG A 187 19.54 28.87 -21.29
CA ARG A 187 20.59 28.02 -21.87
C ARG A 187 20.18 26.56 -21.94
N PHE A 188 19.36 26.12 -21.00
CA PHE A 188 18.83 24.78 -21.10
C PHE A 188 17.34 24.77 -20.87
N GLN A 189 16.70 23.83 -21.53
CA GLN A 189 15.33 23.44 -21.27
C GLN A 189 15.24 22.69 -19.93
N VAL A 190 14.09 22.76 -19.27
CA VAL A 190 13.87 22.11 -17.98
C VAL A 190 12.56 21.36 -18.04
N VAL A 191 12.60 20.05 -17.81
CA VAL A 191 11.40 19.20 -17.72
C VAL A 191 11.20 18.70 -16.30
N ASP A 192 9.97 18.78 -15.81
CA ASP A 192 9.60 18.39 -14.46
C ASP A 192 8.78 17.12 -14.61
N SER A 193 9.17 16.05 -13.92
CA SER A 193 8.53 14.77 -14.08
C SER A 193 7.46 14.46 -13.05
N ARG A 194 7.07 15.46 -12.27
CA ARG A 194 5.97 15.23 -11.35
C ARG A 194 4.63 15.06 -12.06
N ALA A 195 3.69 14.45 -11.36
CA ALA A 195 2.32 14.33 -11.82
C ALA A 195 1.74 15.72 -12.11
N THR A 196 0.85 15.77 -13.11
CA THR A 196 0.24 17.01 -13.60
C THR A 196 -0.35 17.85 -12.48
N GLY A 197 -1.06 17.22 -11.55
CA GLY A 197 -1.69 17.88 -10.42
C GLY A 197 -0.73 18.67 -9.53
N ARG A 198 0.38 18.04 -9.16
CA ARG A 198 1.40 18.72 -8.38
C ARG A 198 2.08 19.84 -9.14
N PHE A 199 2.38 19.59 -10.40
CA PHE A 199 2.97 20.62 -11.26
C PHE A 199 2.03 21.83 -11.41
N ARG A 200 0.78 21.59 -11.71
CA ARG A 200 -0.18 22.67 -11.92
C ARG A 200 -0.69 23.27 -10.63
N GLY A 201 -0.41 22.66 -9.48
CA GLY A 201 -0.76 23.27 -8.21
C GLY A 201 -2.16 22.96 -7.71
N THR A 202 -2.84 22.01 -8.36
CA THR A 202 -4.19 21.54 -7.99
C THR A 202 -4.25 20.29 -7.10
N GLU A 203 -3.12 19.65 -6.80
CA GLU A 203 -3.05 18.52 -5.85
C GLU A 203 -1.86 18.78 -4.93
N PRO A 204 -1.90 18.31 -3.67
CA PRO A 204 -0.84 18.73 -2.72
C PRO A 204 0.56 18.15 -3.04
N GLU A 205 1.61 18.84 -2.60
CA GLU A 205 2.94 18.24 -2.54
C GLU A 205 2.94 17.32 -1.36
N PRO A 206 3.53 16.14 -1.50
CA PRO A 206 3.48 15.21 -0.41
C PRO A 206 4.64 15.37 0.56
N ARG A 207 5.07 16.59 0.82
CA ARG A 207 5.99 16.90 1.91
C ARG A 207 5.38 17.95 2.79
N ASP A 208 5.58 17.78 4.09
CA ASP A 208 5.07 18.72 5.09
C ASP A 208 5.64 20.12 4.83
N GLY A 209 4.75 21.09 4.66
CA GLY A 209 5.13 22.51 4.52
C GLY A 209 5.27 23.02 3.09
N ILE A 210 5.31 22.12 2.12
CA ILE A 210 5.61 22.51 0.75
C ILE A 210 4.29 22.61 -0.03
N GLU A 211 4.13 23.69 -0.77
CA GLU A 211 2.99 23.86 -1.66
C GLU A 211 3.37 23.20 -2.98
N PRO A 212 2.35 22.83 -3.80
CA PRO A 212 2.54 22.45 -5.19
C PRO A 212 2.77 23.66 -6.12
N GLY A 213 2.87 23.38 -7.42
CA GLY A 213 3.23 24.41 -8.45
C GLY A 213 4.56 24.06 -9.09
N HIS A 214 5.09 24.96 -9.90
CA HIS A 214 6.30 24.68 -10.70
C HIS A 214 7.18 25.85 -10.88
N ILE A 215 8.41 25.57 -11.30
CA ILE A 215 9.40 26.57 -11.51
C ILE A 215 8.99 27.23 -12.83
N PRO A 216 8.95 28.56 -12.91
CA PRO A 216 8.53 29.22 -14.14
C PRO A 216 9.32 28.72 -15.34
N GLY A 217 8.62 28.50 -16.45
CA GLY A 217 9.29 28.20 -17.72
C GLY A 217 9.68 26.73 -17.90
N THR A 218 9.19 25.84 -17.05
CA THR A 218 9.54 24.42 -17.13
C THR A 218 8.42 23.68 -17.84
N VAL A 219 8.71 22.50 -18.40
CA VAL A 219 7.70 21.73 -19.09
C VAL A 219 7.39 20.47 -18.28
N ASN A 220 6.11 20.16 -18.12
CA ASN A 220 5.71 19.01 -17.32
C ASN A 220 5.68 17.77 -18.20
N ILE A 221 6.51 16.78 -17.93
CA ILE A 221 6.35 15.45 -18.56
C ILE A 221 6.33 14.45 -17.41
N PRO A 222 5.13 14.11 -16.90
CA PRO A 222 5.03 13.19 -15.79
C PRO A 222 5.83 11.95 -16.10
N PHE A 223 6.56 11.42 -15.10
CA PHE A 223 7.42 10.29 -15.37
C PHE A 223 6.68 9.08 -15.93
N THR A 224 5.39 8.95 -15.58
CA THR A 224 4.53 7.89 -16.03
C THR A 224 4.31 7.85 -17.55
N ASP A 225 4.56 8.96 -18.21
CA ASP A 225 4.48 9.06 -19.67
C ASP A 225 5.58 8.25 -20.39
N PHE A 226 6.67 7.93 -19.70
CA PHE A 226 7.74 7.17 -20.32
C PHE A 226 7.51 5.65 -20.23
N LEU A 227 6.39 5.25 -19.65
CA LEU A 227 6.15 3.87 -19.25
C LEU A 227 4.84 3.37 -19.82
N SER A 228 4.81 2.07 -20.19
CA SER A 228 3.58 1.37 -20.56
C SER A 228 2.63 1.18 -19.40
N GLN A 229 1.41 0.88 -19.78
CA GLN A 229 0.38 0.32 -18.92
C GLN A 229 0.96 -0.83 -18.05
N GLU A 230 1.78 -1.69 -18.67
CA GLU A 230 2.37 -2.86 -18.02
C GLU A 230 3.60 -2.54 -17.13
N GLY A 231 4.04 -1.28 -17.10
CA GLY A 231 5.16 -0.87 -16.27
C GLY A 231 6.51 -1.02 -16.94
N LEU A 232 6.52 -1.13 -18.27
CA LEU A 232 7.71 -1.30 -19.08
C LEU A 232 8.06 -0.02 -19.82
N GLU A 233 9.34 0.29 -19.98
CA GLU A 233 9.74 1.51 -20.68
C GLU A 233 9.20 1.51 -22.10
N LYS A 234 8.76 2.66 -22.58
CA LYS A 234 8.30 2.80 -23.97
C LYS A 234 9.47 2.70 -24.91
N SER A 235 9.20 2.39 -26.17
CA SER A 235 10.27 2.34 -27.20
C SER A 235 11.00 3.68 -27.39
N PRO A 236 12.24 3.65 -27.90
CA PRO A 236 12.91 4.92 -28.24
C PRO A 236 12.14 5.88 -29.15
N GLU A 237 11.40 5.36 -30.14
CA GLU A 237 10.61 6.21 -31.03
C GLU A 237 9.38 6.82 -30.34
N GLU A 238 8.72 6.02 -29.50
CA GLU A 238 7.61 6.51 -28.70
C GLU A 238 8.10 7.64 -27.79
N ILE A 239 9.25 7.46 -27.17
CA ILE A 239 9.81 8.47 -26.28
C ILE A 239 10.18 9.74 -27.07
N ARG A 240 10.85 9.57 -28.20
CA ARG A 240 11.07 10.64 -29.18
C ARG A 240 9.80 11.48 -29.43
N HIS A 241 8.69 10.83 -29.80
CA HIS A 241 7.45 11.51 -30.10
C HIS A 241 6.90 12.18 -28.88
N LEU A 242 7.04 11.53 -27.73
CA LEU A 242 6.62 12.13 -26.46
C LEU A 242 7.28 13.49 -26.27
N PHE A 243 8.61 13.53 -26.38
CA PHE A 243 9.39 14.74 -26.28
C PHE A 243 9.00 15.79 -27.34
N GLN A 244 8.85 15.37 -28.60
CA GLN A 244 8.29 16.24 -29.66
C GLN A 244 6.92 16.81 -29.30
N GLU A 245 5.96 15.95 -28.99
CA GLU A 245 4.61 16.40 -28.61
C GLU A 245 4.60 17.38 -27.42
N LYS A 246 5.65 17.35 -26.61
CA LYS A 246 5.80 18.24 -25.44
C LYS A 246 6.64 19.50 -25.69
N LYS A 247 7.12 19.66 -26.91
CA LYS A 247 7.85 20.86 -27.32
C LYS A 247 9.25 20.90 -26.74
N VAL A 248 9.78 19.73 -26.40
CA VAL A 248 11.17 19.63 -25.96
C VAL A 248 12.02 19.15 -27.12
N ASP A 249 13.10 19.87 -27.37
CA ASP A 249 13.98 19.62 -28.50
C ASP A 249 15.19 18.89 -27.95
N LEU A 250 15.34 17.64 -28.35
CA LEU A 250 16.45 16.82 -27.88
C LEU A 250 17.79 17.23 -28.47
N SER A 251 17.79 18.14 -29.43
CA SER A 251 19.05 18.65 -29.99
C SER A 251 19.65 19.83 -29.17
N LYS A 252 18.86 20.43 -28.28
CA LYS A 252 19.33 21.51 -27.39
C LYS A 252 19.47 21.02 -25.93
N PRO A 253 20.18 21.77 -25.08
CA PRO A 253 20.39 21.29 -23.71
C PRO A 253 19.09 21.09 -22.89
N LEU A 254 19.14 20.11 -21.99
CA LEU A 254 17.98 19.64 -21.29
C LEU A 254 18.37 19.24 -19.87
N VAL A 255 17.62 19.74 -18.90
CA VAL A 255 17.78 19.45 -17.50
C VAL A 255 16.46 18.92 -16.97
N ALA A 256 16.55 17.98 -16.02
CA ALA A 256 15.34 17.48 -15.35
C ALA A 256 15.23 17.77 -13.82
N THR A 257 13.99 17.96 -13.39
CA THR A 257 13.66 18.29 -12.01
C THR A 257 12.38 17.55 -11.64
N GLY A 259 10.09 16.37 -7.64
CA GLY A 259 9.84 16.72 -6.28
C GLY A 259 11.11 16.78 -5.46
N SER A 260 11.99 15.80 -5.67
CA SER A 260 13.18 15.73 -4.84
C SER A 260 14.33 15.00 -5.50
N GLY A 261 14.36 15.04 -6.82
CA GLY A 261 15.52 14.58 -7.58
C GLY A 261 15.47 13.09 -7.87
N VAL A 262 14.32 12.45 -7.62
CA VAL A 262 14.21 11.02 -7.81
C VAL A 262 13.66 10.68 -9.20
N THR A 263 12.37 10.96 -9.45
CA THR A 263 11.76 10.59 -10.73
C THR A 263 12.22 11.44 -11.91
N ALA A 264 12.92 12.54 -11.66
CA ALA A 264 13.52 13.33 -12.72
C ALA A 264 14.48 12.46 -13.55
N CYS A 265 15.07 11.45 -12.88
CA CYS A 265 15.99 10.54 -13.55
C CYS A 265 15.32 9.70 -14.63
N HIS A 266 14.01 9.55 -14.60
CA HIS A 266 13.26 9.01 -15.75
C HIS A 266 13.38 9.86 -17.00
N VAL A 267 13.45 11.17 -16.82
CA VAL A 267 13.61 12.06 -17.96
C VAL A 267 15.01 11.89 -18.52
N ALA A 268 16.01 11.86 -17.66
CA ALA A 268 17.35 11.52 -18.11
C ALA A 268 17.45 10.15 -18.82
N LEU A 269 16.80 9.13 -18.28
CA LEU A 269 16.79 7.82 -18.90
C LEU A 269 16.15 7.85 -20.32
N GLY A 270 14.97 8.45 -20.41
CA GLY A 270 14.24 8.55 -21.66
C GLY A 270 15.07 9.24 -22.73
N ALA A 271 15.70 10.33 -22.36
CA ALA A 271 16.53 11.05 -23.31
C ALA A 271 17.75 10.21 -23.68
N TYR A 272 18.31 9.48 -22.70
CA TYR A 272 19.50 8.65 -22.93
C TYR A 272 19.19 7.60 -23.99
N LEU A 273 18.05 6.98 -23.87
CA LEU A 273 17.66 5.94 -24.79
C LEU A 273 17.35 6.52 -26.17
N CYS A 274 17.18 7.85 -26.25
CA CYS A 274 17.02 8.52 -27.54
C CYS A 274 18.34 9.04 -28.10
N GLY A 275 19.46 8.80 -27.45
CA GLY A 275 20.74 9.29 -27.98
C GLY A 275 21.30 10.54 -27.32
N LYS A 276 20.72 10.94 -26.19
CA LYS A 276 21.15 12.13 -25.44
C LYS A 276 21.53 11.78 -23.99
N PRO A 277 22.80 11.40 -23.75
CA PRO A 277 23.26 11.00 -22.43
C PRO A 277 23.56 12.14 -21.44
N ASP A 278 23.51 13.37 -21.91
CA ASP A 278 23.83 14.52 -21.07
C ASP A 278 22.54 15.27 -20.66
N VAL A 279 21.83 14.73 -19.68
CA VAL A 279 20.70 15.44 -19.08
C VAL A 279 20.96 15.54 -17.59
N PRO A 280 21.58 16.65 -17.14
CA PRO A 280 21.76 16.86 -15.72
C PRO A 280 20.43 16.98 -14.97
N ILE A 281 20.52 16.73 -13.66
CA ILE A 281 19.37 16.68 -12.78
C ILE A 281 19.53 17.83 -11.81
N TYR A 282 18.44 18.56 -11.63
CA TYR A 282 18.33 19.47 -10.50
C TYR A 282 18.03 18.64 -9.25
N ASP A 283 19.09 18.31 -8.53
CA ASP A 283 19.05 17.40 -7.39
C ASP A 283 18.12 17.95 -6.28
N GLY A 284 18.31 19.21 -5.90
CA GLY A 284 17.45 19.86 -4.92
C GLY A 284 15.98 19.84 -5.28
N SER A 285 15.67 20.11 -6.56
CA SER A 285 14.34 19.93 -7.12
C SER A 285 13.32 20.83 -6.46
N TRP A 286 12.03 20.51 -6.62
CA TRP A 286 10.96 21.37 -6.15
C TRP A 286 11.04 21.69 -4.68
N VAL A 287 11.39 20.72 -3.85
CA VAL A 287 11.45 20.97 -2.42
C VAL A 287 12.48 22.05 -2.07
N GLU A 288 13.62 22.01 -2.73
CA GLU A 288 14.57 23.10 -2.53
C GLU A 288 14.09 24.42 -3.15
N TRP A 289 13.53 24.34 -4.36
CA TRP A 289 13.07 25.55 -5.02
C TRP A 289 12.01 26.21 -4.15
N TYR A 290 11.05 25.43 -3.66
CA TYR A 290 10.00 26.00 -2.86
C TYR A 290 10.58 26.71 -1.64
N MET A 291 11.53 26.06 -0.96
CA MET A 291 12.10 26.61 0.25
C MET A 291 12.94 27.85 0.04
N ARG A 292 13.72 27.91 -1.04
CA ARG A 292 14.61 29.05 -1.25
C ARG A 292 13.95 30.18 -2.02
N ALA A 293 13.23 29.83 -3.08
CA ALA A 293 12.55 30.82 -3.92
C ALA A 293 11.29 31.36 -3.24
N ARG A 294 10.61 30.52 -2.45
CA ARG A 294 9.41 30.91 -1.67
C ARG A 294 8.29 31.47 -2.54
N PRO A 295 7.88 30.71 -3.56
CA PRO A 295 6.76 31.19 -4.31
C PRO A 295 5.53 31.37 -3.38
N GLU A 296 4.79 32.45 -3.60
CA GLU A 296 3.59 32.75 -2.84
C GLU A 296 2.34 32.50 -3.66
N ASP A 297 2.54 31.98 -4.87
CA ASP A 297 1.56 31.71 -5.95
C ASP A 297 0.36 30.86 -5.53
N VAL A 298 0.65 29.73 -4.90
CA VAL A 298 -0.32 28.69 -4.63
C VAL A 298 -0.53 28.44 -3.12
N GLY B 18 -20.56 -12.31 3.08
CA GLY B 18 -19.11 -12.65 3.01
C GLY B 18 -18.85 -13.68 1.92
N SER B 19 -19.03 -13.26 0.67
CA SER B 19 -19.03 -14.16 -0.48
C SER B 19 -17.79 -13.87 -1.36
N HIS B 20 -17.56 -12.60 -1.66
CA HIS B 20 -16.29 -12.13 -2.21
C HIS B 20 -15.52 -11.32 -1.21
N VAL B 21 -14.29 -11.74 -0.90
CA VAL B 21 -13.43 -11.03 0.07
C VAL B 21 -12.25 -10.37 -0.58
N SER B 22 -11.75 -9.31 0.07
CA SER B 22 -10.65 -8.52 -0.45
C SER B 22 -9.32 -9.07 0.06
N ALA B 23 -8.26 -8.71 -0.64
CA ALA B 23 -6.92 -9.03 -0.19
C ALA B 23 -6.68 -8.50 1.23
N GLN B 24 -7.06 -7.26 1.50
CA GLN B 24 -6.86 -6.70 2.83
C GLN B 24 -7.62 -7.49 3.87
N TRP B 25 -8.81 -7.97 3.52
CA TRP B 25 -9.58 -8.77 4.46
C TRP B 25 -8.90 -10.06 4.74
N VAL B 26 -8.31 -10.67 3.71
CA VAL B 26 -7.57 -11.90 3.90
C VAL B 26 -6.29 -11.64 4.66
N ALA B 27 -5.61 -10.56 4.35
CA ALA B 27 -4.36 -10.25 5.04
C ALA B 27 -4.56 -10.16 6.56
N GLU B 28 -5.66 -9.58 7.03
CA GLU B 28 -5.93 -9.55 8.48
C GLU B 28 -6.57 -10.82 9.06
N ALA B 29 -7.37 -11.55 8.29
CA ALA B 29 -7.94 -12.81 8.78
C ALA B 29 -6.91 -13.92 9.02
N LEU B 30 -5.78 -13.89 8.31
CA LEU B 30 -4.68 -14.82 8.55
C LEU B 30 -3.69 -14.30 9.62
N ARG B 31 -3.73 -13.00 9.87
CA ARG B 31 -2.87 -12.39 10.89
C ARG B 31 -3.27 -12.81 12.32
N ALA B 32 -4.52 -13.24 12.51
CA ALA B 32 -5.03 -13.46 13.87
C ALA B 32 -6.09 -14.57 14.00
N PRO B 33 -5.72 -15.84 13.68
CA PRO B 33 -6.69 -16.95 13.82
C PRO B 33 -7.06 -17.32 15.27
N GLN B 37 -13.22 -20.47 15.73
CA GLN B 37 -13.70 -20.04 14.41
C GLN B 37 -12.71 -20.35 13.26
N PRO B 38 -12.69 -21.61 12.79
CA PRO B 38 -11.66 -22.00 11.85
C PRO B 38 -11.82 -21.38 10.45
N LEU B 39 -10.67 -21.04 9.89
CA LEU B 39 -10.53 -20.44 8.58
C LEU B 39 -9.54 -21.32 7.82
N GLN B 40 -9.85 -21.69 6.59
CA GLN B 40 -8.85 -22.38 5.73
C GLN B 40 -8.76 -21.75 4.33
N LEU B 41 -7.57 -21.24 4.01
CA LEU B 41 -7.28 -20.67 2.70
C LEU B 41 -6.81 -21.76 1.72
N LEU B 42 -7.32 -21.72 0.49
CA LEU B 42 -6.92 -22.71 -0.51
C LEU B 42 -6.49 -22.09 -1.81
N ASP B 43 -5.34 -22.53 -2.32
CA ASP B 43 -4.87 -22.15 -3.65
C ASP B 43 -5.41 -23.22 -4.57
N ALA B 44 -6.38 -22.84 -5.43
CA ALA B 44 -6.98 -23.75 -6.40
C ALA B 44 -6.47 -23.52 -7.80
N SER B 45 -5.25 -22.98 -7.92
CA SER B 45 -4.66 -22.77 -9.24
C SER B 45 -4.65 -24.06 -10.05
N TRP B 46 -5.03 -23.92 -11.32
CA TRP B 46 -4.98 -24.98 -12.30
C TRP B 46 -4.82 -24.28 -13.63
N TYR B 47 -4.11 -24.93 -14.56
CA TYR B 47 -3.84 -24.38 -15.89
C TYR B 47 -4.07 -25.41 -16.98
N LEU B 48 -4.52 -24.93 -18.14
CA LEU B 48 -4.58 -25.74 -19.36
C LEU B 48 -3.29 -26.51 -19.60
N PRO B 49 -3.37 -27.85 -19.69
CA PRO B 49 -2.19 -28.70 -19.85
C PRO B 49 -1.28 -28.24 -20.95
N LYS B 50 -1.84 -27.56 -21.94
CA LYS B 50 -1.09 -27.00 -23.05
C LYS B 50 -0.17 -25.84 -22.62
N LEU B 51 -0.44 -25.21 -21.49
CA LEU B 51 0.30 -23.99 -21.11
C LEU B 51 1.63 -24.34 -20.41
N GLY B 52 1.87 -25.64 -20.17
CA GLY B 52 3.11 -26.14 -19.58
C GLY B 52 3.44 -25.79 -18.13
N ARG B 53 2.46 -25.27 -17.37
CA ARG B 53 2.71 -24.85 -15.96
C ARG B 53 2.29 -25.90 -14.92
N ASP B 54 3.07 -25.94 -13.83
CA ASP B 54 2.80 -26.83 -12.71
C ASP B 54 2.32 -25.98 -11.52
N ALA B 55 1.02 -26.05 -11.27
CA ALA B 55 0.37 -25.26 -10.23
C ALA B 55 0.87 -25.69 -8.85
N ARG B 56 1.03 -26.99 -8.67
CA ARG B 56 1.55 -27.53 -7.44
C ARG B 56 2.98 -27.04 -7.16
N ARG B 57 3.83 -27.04 -8.17
CA ARG B 57 5.23 -26.62 -7.99
C ARG B 57 5.28 -25.12 -7.71
N GLU B 58 4.44 -24.37 -8.43
CA GLU B 58 4.33 -22.93 -8.22
C GLU B 58 3.85 -22.57 -6.81
N PHE B 59 2.90 -23.34 -6.29
CA PHE B 59 2.46 -23.20 -4.89
C PHE B 59 3.64 -23.28 -3.91
N GLU B 60 4.54 -24.20 -4.18
CA GLU B 60 5.70 -24.41 -3.35
C GLU B 60 6.71 -23.26 -3.47
N GLU B 61 6.73 -22.59 -4.62
CA GLU B 61 7.58 -21.42 -4.84
C GLU B 61 6.97 -20.25 -4.10
N ARG B 62 5.66 -20.06 -4.22
CA ARG B 62 5.00 -19.01 -3.46
C ARG B 62 3.50 -19.21 -3.31
N HIS B 63 2.99 -18.90 -2.13
CA HIS B 63 1.57 -18.87 -1.86
C HIS B 63 1.24 -17.91 -0.76
N ILE B 64 -0.06 -17.63 -0.64
CA ILE B 64 -0.53 -16.75 0.43
C ILE B 64 -0.38 -17.50 1.77
N PRO B 65 0.18 -16.84 2.80
CA PRO B 65 0.41 -17.55 4.05
C PRO B 65 -0.82 -18.23 4.63
N GLY B 66 -0.63 -19.44 5.16
CA GLY B 66 -1.74 -20.30 5.63
C GLY B 66 -2.39 -21.19 4.56
N ALA B 67 -2.20 -20.86 3.28
CA ALA B 67 -2.87 -21.61 2.21
C ALA B 67 -2.39 -23.04 2.18
N ALA B 68 -3.29 -23.89 1.70
CA ALA B 68 -2.97 -25.23 1.32
C ALA B 68 -3.40 -25.36 -0.16
N PHE B 69 -2.82 -26.34 -0.84
CA PHE B 69 -3.06 -26.51 -2.28
C PHE B 69 -4.23 -27.44 -2.57
N PHE B 70 -5.22 -26.94 -3.29
CA PHE B 70 -6.37 -27.74 -3.68
C PHE B 70 -6.23 -28.07 -5.15
N ASP B 71 -6.15 -29.36 -5.49
CA ASP B 71 -5.88 -29.79 -6.88
C ASP B 71 -7.13 -30.37 -7.51
N ILE B 72 -7.73 -29.65 -8.44
CA ILE B 72 -9.00 -30.09 -8.98
C ILE B 72 -8.91 -31.34 -9.86
N ASP B 73 -7.70 -31.68 -10.30
CA ASP B 73 -7.48 -32.91 -11.05
C ASP B 73 -7.23 -34.10 -10.15
N GLN B 74 -6.95 -33.88 -8.87
CA GLN B 74 -6.82 -34.99 -7.94
C GLN B 74 -8.15 -35.24 -7.22
N CYS B 75 -8.82 -34.17 -6.83
CA CYS B 75 -10.14 -34.23 -6.20
C CYS B 75 -11.24 -34.35 -7.28
N SER B 76 -11.31 -35.54 -7.86
CA SER B 76 -11.89 -35.77 -9.14
C SER B 76 -12.46 -37.19 -9.21
N ASP B 77 -13.56 -37.37 -9.93
CA ASP B 77 -14.05 -38.73 -10.22
C ASP B 77 -12.89 -39.60 -10.69
N ARG B 78 -12.68 -40.73 -10.04
CA ARG B 78 -11.50 -41.56 -10.31
C ARG B 78 -11.66 -42.53 -11.47
N THR B 79 -12.89 -42.67 -11.97
CA THR B 79 -13.24 -43.59 -13.03
C THR B 79 -13.39 -42.91 -14.40
N SER B 80 -13.91 -41.68 -14.43
CA SER B 80 -14.18 -41.05 -15.71
C SER B 80 -12.89 -40.82 -16.53
N PRO B 81 -12.98 -40.95 -17.87
CA PRO B 81 -11.84 -40.60 -18.72
C PRO B 81 -11.69 -39.09 -18.90
N TYR B 82 -12.67 -38.33 -18.44
CA TYR B 82 -12.61 -36.88 -18.39
C TYR B 82 -11.95 -36.43 -17.12
N ASP B 83 -11.11 -35.42 -17.27
CA ASP B 83 -10.43 -34.78 -16.17
C ASP B 83 -11.38 -33.85 -15.40
N HIS B 84 -11.05 -33.68 -14.13
CA HIS B 84 -11.81 -32.87 -13.18
C HIS B 84 -13.31 -32.96 -13.29
N MET B 85 -13.83 -34.18 -13.36
CA MET B 85 -15.25 -34.44 -13.13
C MET B 85 -15.45 -34.45 -11.63
N LEU B 86 -16.57 -33.90 -11.18
CA LEU B 86 -16.94 -33.92 -9.78
C LEU B 86 -16.74 -35.30 -9.11
N PRO B 87 -16.00 -35.36 -7.99
CA PRO B 87 -15.79 -36.63 -7.33
C PRO B 87 -17.06 -37.08 -6.60
N GLY B 88 -17.11 -38.33 -6.15
CA GLY B 88 -18.13 -38.75 -5.21
C GLY B 88 -17.94 -38.09 -3.86
N ALA B 89 -19.01 -38.08 -3.06
CA ALA B 89 -19.04 -37.39 -1.76
C ALA B 89 -17.98 -37.88 -0.79
N GLU B 90 -17.78 -39.18 -0.73
CA GLU B 90 -16.80 -39.76 0.18
C GLU B 90 -15.41 -39.28 -0.21
N HIS B 91 -15.09 -39.35 -1.50
CA HIS B 91 -13.81 -38.84 -1.98
C HIS B 91 -13.65 -37.37 -1.62
N PHE B 92 -14.68 -36.56 -1.85
CA PHE B 92 -14.54 -35.15 -1.55
C PHE B 92 -14.31 -34.88 -0.07
N ALA B 93 -15.10 -35.55 0.78
CA ALA B 93 -14.92 -35.48 2.21
C ALA B 93 -13.49 -35.83 2.64
N GLU B 94 -12.96 -36.95 2.16
CA GLU B 94 -11.58 -37.34 2.48
C GLU B 94 -10.60 -36.23 2.09
N TYR B 95 -10.70 -35.79 0.84
CA TYR B 95 -9.78 -34.77 0.32
C TYR B 95 -9.88 -33.45 1.09
N ALA B 96 -11.09 -32.94 1.26
CA ALA B 96 -11.31 -31.67 1.96
C ALA B 96 -10.81 -31.77 3.37
N GLY B 97 -11.12 -32.89 4.01
CA GLY B 97 -10.68 -33.15 5.38
C GLY B 97 -9.18 -33.09 5.56
N ARG B 98 -8.44 -33.74 4.67
CA ARG B 98 -6.98 -33.69 4.75
C ARG B 98 -6.44 -32.30 4.49
N LEU B 99 -7.21 -31.42 3.87
CA LEU B 99 -6.74 -30.03 3.67
C LEU B 99 -7.17 -29.12 4.81
N GLY B 100 -7.72 -29.71 5.87
CA GLY B 100 -7.97 -28.98 7.10
C GLY B 100 -9.33 -28.37 7.15
N VAL B 101 -10.22 -28.77 6.24
CA VAL B 101 -11.59 -28.23 6.23
C VAL B 101 -12.54 -29.16 6.98
N GLY B 102 -13.13 -28.64 8.07
CA GLY B 102 -14.17 -29.33 8.82
C GLY B 102 -15.48 -28.59 8.64
N ALA B 103 -16.54 -29.10 9.25
CA ALA B 103 -17.87 -28.52 9.12
C ALA B 103 -17.96 -27.02 9.50
N ALA B 104 -17.20 -26.58 10.49
CA ALA B 104 -17.29 -25.17 10.91
C ALA B 104 -16.36 -24.24 10.14
N THR B 105 -15.52 -24.77 9.25
CA THR B 105 -14.43 -23.99 8.69
C THR B 105 -14.94 -23.03 7.63
N HIS B 106 -14.58 -21.76 7.73
CA HIS B 106 -14.81 -20.81 6.64
C HIS B 106 -13.70 -20.98 5.57
N VAL B 107 -14.07 -21.46 4.39
CA VAL B 107 -13.09 -21.71 3.34
C VAL B 107 -12.97 -20.49 2.45
N VAL B 108 -11.75 -20.13 2.13
CA VAL B 108 -11.47 -19.03 1.24
C VAL B 108 -10.56 -19.58 0.13
N ILE B 109 -10.90 -19.27 -1.12
CA ILE B 109 -10.23 -19.83 -2.28
C ILE B 109 -9.70 -18.72 -3.17
N TYR B 110 -8.49 -18.94 -3.69
CA TYR B 110 -7.87 -18.06 -4.64
C TYR B 110 -7.09 -18.88 -5.65
N ASP B 111 -6.68 -18.23 -6.71
CA ASP B 111 -5.67 -18.82 -7.59
C ASP B 111 -4.68 -17.75 -8.05
N ALA B 112 -3.68 -18.19 -8.79
CA ALA B 112 -2.58 -17.33 -9.17
C ALA B 112 -2.58 -17.07 -10.67
N SER B 113 -3.76 -17.08 -11.28
CA SER B 113 -3.89 -16.91 -12.74
C SER B 113 -3.66 -15.46 -13.17
N ASP B 114 -3.23 -15.28 -14.42
CA ASP B 114 -3.05 -13.95 -15.02
C ASP B 114 -4.33 -13.12 -15.02
N GLN B 115 -5.49 -13.78 -15.12
CA GLN B 115 -6.80 -13.09 -15.19
C GLN B 115 -7.33 -12.65 -13.84
N GLY B 116 -6.68 -13.05 -12.75
CA GLY B 116 -7.15 -12.70 -11.44
C GLY B 116 -7.84 -13.83 -10.76
N LEU B 117 -8.95 -14.32 -11.33
CA LEU B 117 -9.59 -15.56 -10.93
C LEU B 117 -9.97 -16.37 -12.16
N TYR B 118 -9.74 -17.67 -12.08
CA TYR B 118 -9.83 -18.52 -13.23
C TYR B 118 -10.42 -19.88 -12.82
N SER B 119 -9.73 -20.59 -11.91
CA SER B 119 -10.17 -21.90 -11.44
C SER B 119 -10.73 -21.90 -10.03
N ALA B 120 -10.52 -20.82 -9.28
CA ALA B 120 -11.05 -20.71 -7.93
C ALA B 120 -12.58 -20.84 -7.90
N PRO B 121 -13.32 -20.20 -8.83
CA PRO B 121 -14.77 -20.35 -8.73
C PRO B 121 -15.24 -21.79 -8.82
N ARG B 122 -14.53 -22.61 -9.59
CA ARG B 122 -14.88 -24.01 -9.69
C ARG B 122 -14.82 -24.68 -8.34
N VAL B 123 -13.77 -24.36 -7.58
CA VAL B 123 -13.67 -24.97 -6.25
C VAL B 123 -14.72 -24.40 -5.27
N TRP B 124 -14.96 -23.11 -5.33
CA TRP B 124 -16.08 -22.50 -4.62
C TRP B 124 -17.39 -23.21 -4.88
N TRP B 125 -17.64 -23.50 -6.16
CA TRP B 125 -18.84 -24.25 -6.57
C TRP B 125 -18.84 -25.69 -6.06
N MET B 126 -17.68 -26.32 -6.00
CA MET B 126 -17.62 -27.72 -5.53
C MET B 126 -18.00 -27.82 -4.07
N PHE B 127 -17.49 -26.91 -3.26
CA PHE B 127 -17.82 -26.91 -1.83
C PHE B 127 -19.30 -26.71 -1.61
N ARG B 128 -19.89 -25.75 -2.29
CA ARG B 128 -21.33 -25.50 -2.20
C ARG B 128 -22.09 -26.75 -2.63
N ALA B 129 -21.69 -27.32 -3.77
CA ALA B 129 -22.33 -28.53 -4.27
C ALA B 129 -22.40 -29.66 -3.24
N PHE B 130 -21.35 -29.79 -2.42
CA PHE B 130 -21.28 -30.83 -1.40
C PHE B 130 -21.81 -30.36 -0.04
N GLY B 131 -22.48 -29.22 -0.02
CA GLY B 131 -23.21 -28.75 1.17
C GLY B 131 -22.41 -27.93 2.17
N HIS B 132 -21.29 -27.34 1.74
CA HIS B 132 -20.51 -26.48 2.62
C HIS B 132 -20.65 -25.09 2.12
N HIS B 133 -21.57 -24.32 2.68
CA HIS B 133 -21.89 -23.02 2.12
C HIS B 133 -21.04 -21.89 2.65
N ALA B 134 -20.26 -22.14 3.69
CA ALA B 134 -19.36 -21.10 4.22
C ALA B 134 -18.04 -21.14 3.43
N VAL B 135 -18.07 -20.53 2.26
CA VAL B 135 -16.95 -20.56 1.32
C VAL B 135 -16.95 -19.24 0.54
N SER B 136 -15.76 -18.69 0.33
CA SER B 136 -15.59 -17.37 -0.28
C SER B 136 -14.45 -17.36 -1.27
N LEU B 137 -14.37 -16.33 -2.08
CA LEU B 137 -13.35 -16.17 -3.08
C LEU B 137 -12.59 -14.90 -2.84
N LEU B 138 -11.26 -14.98 -2.93
CA LEU B 138 -10.42 -13.81 -2.85
C LEU B 138 -10.45 -13.07 -4.18
N ASP B 139 -11.05 -11.88 -4.17
CA ASP B 139 -11.22 -11.07 -5.37
C ASP B 139 -9.85 -10.68 -5.92
N GLY B 140 -9.57 -11.05 -7.16
CA GLY B 140 -8.29 -10.70 -7.78
C GLY B 140 -7.14 -11.68 -7.59
N GLY B 141 -7.29 -12.65 -6.69
CA GLY B 141 -6.31 -13.71 -6.49
C GLY B 141 -4.90 -13.27 -6.15
N LEU B 142 -3.93 -14.12 -6.43
CA LEU B 142 -2.55 -13.78 -6.19
C LEU B 142 -2.10 -12.56 -7.01
N ARG B 143 -2.58 -12.44 -8.23
CA ARG B 143 -2.23 -11.29 -9.07
C ARG B 143 -2.38 -9.97 -8.29
N HIS B 144 -3.55 -9.78 -7.70
CA HIS B 144 -3.85 -8.56 -6.96
C HIS B 144 -3.21 -8.52 -5.61
N TRP B 145 -3.08 -9.68 -4.97
CA TRP B 145 -2.35 -9.78 -3.72
C TRP B 145 -0.96 -9.24 -3.86
N LEU B 146 -0.30 -9.56 -4.96
CA LEU B 146 1.06 -9.10 -5.21
C LEU B 146 1.11 -7.64 -5.60
N ARG B 147 0.06 -7.15 -6.26
CA ARG B 147 -0.01 -5.72 -6.60
C ARG B 147 -0.18 -4.89 -5.34
N GLN B 148 -0.70 -5.50 -4.28
CA GLN B 148 -0.82 -4.83 -2.99
C GLN B 148 0.42 -5.01 -2.10
N ASN B 149 1.45 -5.63 -2.65
CA ASN B 149 2.71 -5.84 -1.96
C ASN B 149 2.53 -6.60 -0.64
N LEU B 150 1.61 -7.59 -0.61
CA LEU B 150 1.38 -8.39 0.59
C LEU B 150 2.33 -9.59 0.63
N PRO B 151 2.56 -10.17 1.82
CA PRO B 151 3.60 -11.20 1.95
C PRO B 151 3.23 -12.57 1.41
N LEU B 152 4.29 -13.36 1.23
CA LEU B 152 4.20 -14.72 0.71
C LEU B 152 4.81 -15.75 1.64
N SER B 153 4.32 -16.98 1.52
CA SER B 153 4.92 -18.15 2.10
C SER B 153 5.38 -19.07 0.96
N SER B 154 6.11 -20.10 1.33
CA SER B 154 6.61 -21.04 0.38
C SER B 154 6.72 -22.39 1.05
N GLY B 155 7.08 -23.40 0.28
CA GLY B 155 7.16 -24.77 0.79
C GLY B 155 5.81 -25.46 0.77
N LYS B 156 5.78 -26.69 1.27
CA LYS B 156 4.53 -27.41 1.43
C LYS B 156 3.70 -26.88 2.59
N SER B 157 2.42 -27.23 2.56
CA SER B 157 1.53 -26.99 3.68
C SER B 157 0.86 -28.30 4.06
N GLN B 158 0.94 -28.65 5.34
CA GLN B 158 0.34 -29.85 5.91
C GLN B 158 -0.65 -29.39 6.98
N PRO B 159 -1.85 -28.95 6.58
CA PRO B 159 -2.79 -28.52 7.64
C PRO B 159 -3.22 -29.71 8.49
N ALA B 160 -3.61 -29.42 9.72
CA ALA B 160 -4.13 -30.43 10.63
C ALA B 160 -5.46 -30.97 10.09
N PRO B 161 -5.57 -32.29 9.89
CA PRO B 161 -6.81 -32.89 9.39
C PRO B 161 -8.08 -32.53 10.16
N ALA B 162 -9.19 -32.40 9.42
CA ALA B 162 -10.48 -32.18 10.03
C ALA B 162 -11.47 -33.19 9.47
N GLU B 163 -12.59 -33.35 10.17
CA GLU B 163 -13.64 -34.27 9.74
C GLU B 163 -14.63 -33.45 8.93
N PHE B 164 -14.72 -33.76 7.64
CA PHE B 164 -15.63 -33.07 6.75
C PHE B 164 -16.78 -34.01 6.40
N ARG B 165 -18.00 -33.49 6.37
CA ARG B 165 -19.14 -34.28 5.95
C ARG B 165 -19.70 -33.69 4.66
N ALA B 166 -19.65 -34.51 3.61
CA ALA B 166 -20.06 -34.09 2.29
C ALA B 166 -21.39 -34.71 1.94
N GLN B 167 -22.27 -33.92 1.38
CA GLN B 167 -23.44 -34.47 0.73
C GLN B 167 -23.70 -33.77 -0.56
N LEU B 168 -23.68 -34.54 -1.63
CA LEU B 168 -23.93 -34.02 -2.96
C LEU B 168 -25.38 -33.56 -3.11
N ASP B 169 -25.57 -32.35 -3.59
CA ASP B 169 -26.84 -31.95 -4.15
C ASP B 169 -26.71 -32.07 -5.68
N PRO B 170 -27.36 -33.08 -6.29
CA PRO B 170 -27.20 -33.32 -7.75
C PRO B 170 -27.75 -32.21 -8.64
N ALA B 171 -28.58 -31.34 -8.09
CA ALA B 171 -29.10 -30.17 -8.81
C ALA B 171 -27.98 -29.17 -9.21
N PHE B 172 -26.80 -29.32 -8.62
CA PHE B 172 -25.65 -28.47 -8.99
C PHE B 172 -25.02 -28.84 -10.35
N ILE B 173 -25.42 -29.97 -10.92
CA ILE B 173 -24.76 -30.56 -12.09
C ILE B 173 -25.76 -30.98 -13.17
N LYS B 174 -25.42 -30.71 -14.43
CA LYS B 174 -26.14 -31.27 -15.56
C LYS B 174 -25.25 -32.26 -16.28
N THR B 175 -25.86 -33.30 -16.83
CA THR B 175 -25.17 -34.32 -17.60
C THR B 175 -25.32 -34.06 -19.11
N TYR B 176 -24.51 -34.74 -19.90
CA TYR B 176 -24.67 -34.72 -21.36
C TYR B 176 -26.12 -34.92 -21.76
N GLU B 177 -26.76 -35.95 -21.21
CA GLU B 177 -28.15 -36.21 -21.51
C GLU B 177 -29.06 -35.03 -21.17
N ASP B 178 -28.84 -34.38 -20.02
CA ASP B 178 -29.60 -33.20 -19.66
C ASP B 178 -29.49 -32.08 -20.70
N ILE B 179 -28.28 -31.82 -21.16
CA ILE B 179 -28.02 -30.75 -22.11
C ILE B 179 -28.65 -31.14 -23.45
N LYS B 180 -28.48 -32.37 -23.85
CA LYS B 180 -29.05 -32.86 -25.11
C LYS B 180 -30.61 -32.76 -25.12
N GLU B 181 -31.25 -33.27 -24.08
CA GLU B 181 -32.70 -33.18 -23.95
C GLU B 181 -33.17 -31.72 -23.88
N ASN B 182 -32.33 -30.82 -23.36
CA ASN B 182 -32.68 -29.41 -23.26
C ASN B 182 -32.79 -28.69 -24.63
N LEU B 183 -32.15 -29.23 -25.65
CA LEU B 183 -32.31 -28.71 -27.03
C LEU B 183 -33.73 -28.87 -27.55
N GLU B 184 -34.47 -29.82 -26.99
CA GLU B 184 -35.92 -29.99 -27.26
C GLU B 184 -36.75 -29.16 -26.29
N SER B 185 -36.58 -29.40 -25.01
CA SER B 185 -37.47 -28.85 -23.99
C SER B 185 -37.23 -27.37 -23.63
N ARG B 186 -36.02 -26.88 -23.87
CA ARG B 186 -35.60 -25.54 -23.43
C ARG B 186 -35.98 -25.19 -21.98
N ARG B 187 -35.81 -26.13 -21.05
CA ARG B 187 -36.12 -25.88 -19.65
C ARG B 187 -35.17 -24.89 -19.04
N PHE B 188 -33.97 -24.76 -19.61
CA PHE B 188 -33.02 -23.79 -19.08
C PHE B 188 -32.17 -23.11 -20.15
N GLN B 189 -31.81 -21.85 -19.90
CA GLN B 189 -30.87 -21.14 -20.74
C GLN B 189 -29.47 -21.73 -20.47
N VAL B 190 -28.61 -21.71 -21.47
CA VAL B 190 -27.27 -22.24 -21.33
C VAL B 190 -26.31 -21.16 -21.74
N VAL B 191 -25.40 -20.81 -20.84
CA VAL B 191 -24.34 -19.85 -21.12
C VAL B 191 -22.98 -20.56 -21.14
N ASP B 192 -22.19 -20.24 -22.15
CA ASP B 192 -20.87 -20.88 -22.37
C ASP B 192 -19.84 -19.79 -22.16
N SER B 193 -18.89 -20.04 -21.27
CA SER B 193 -17.93 -19.00 -20.84
C SER B 193 -16.55 -19.07 -21.50
N ARG B 194 -16.40 -19.89 -22.54
CA ARG B 194 -15.20 -19.85 -23.36
C ARG B 194 -15.01 -18.54 -24.10
N ALA B 195 -13.78 -18.30 -24.52
CA ALA B 195 -13.43 -17.14 -25.33
C ALA B 195 -14.18 -17.21 -26.65
N THR B 196 -14.40 -16.04 -27.27
CA THR B 196 -15.32 -15.91 -28.41
C THR B 196 -14.83 -16.75 -29.57
N GLY B 197 -13.53 -16.74 -29.82
CA GLY B 197 -12.91 -17.52 -30.92
C GLY B 197 -13.18 -19.02 -30.83
N ARG B 198 -13.16 -19.56 -29.60
CA ARG B 198 -13.41 -20.99 -29.40
C ARG B 198 -14.90 -21.29 -29.60
N PHE B 199 -15.75 -20.41 -29.07
CA PHE B 199 -17.19 -20.56 -29.17
C PHE B 199 -17.62 -20.53 -30.63
N ARG B 200 -17.07 -19.55 -31.36
CA ARG B 200 -17.45 -19.32 -32.76
C ARG B 200 -16.82 -20.31 -33.74
N GLY B 201 -15.82 -21.06 -33.28
CA GLY B 201 -15.21 -22.08 -34.09
C GLY B 201 -14.04 -21.59 -34.91
N THR B 202 -13.44 -20.44 -34.56
CA THR B 202 -12.35 -19.84 -35.34
C THR B 202 -10.98 -19.86 -34.64
N GLU B 203 -10.92 -20.38 -33.41
CA GLU B 203 -9.68 -20.57 -32.67
C GLU B 203 -9.68 -21.97 -32.07
N PRO B 204 -8.51 -22.62 -32.05
CA PRO B 204 -8.45 -24.01 -31.63
C PRO B 204 -8.91 -24.26 -30.19
N GLU B 205 -9.52 -25.41 -29.93
CA GLU B 205 -9.68 -25.86 -28.56
C GLU B 205 -8.34 -26.35 -28.08
N PRO B 206 -8.02 -26.08 -26.80
CA PRO B 206 -6.74 -26.44 -26.21
C PRO B 206 -6.65 -27.90 -25.74
N ARG B 207 -7.35 -28.80 -26.40
CA ARG B 207 -7.27 -30.23 -26.11
C ARG B 207 -7.10 -31.03 -27.37
N ASP B 208 -6.23 -32.03 -27.26
CA ASP B 208 -5.83 -32.88 -28.37
C ASP B 208 -7.07 -33.56 -28.94
N GLY B 209 -7.32 -33.35 -30.23
CA GLY B 209 -8.42 -34.04 -30.93
C GLY B 209 -9.78 -33.31 -30.88
N ILE B 210 -9.86 -32.20 -30.15
CA ILE B 210 -11.13 -31.51 -29.99
C ILE B 210 -11.15 -30.28 -30.88
N GLU B 211 -12.22 -30.16 -31.62
CA GLU B 211 -12.45 -29.09 -32.53
C GLU B 211 -13.27 -28.03 -31.76
N PRO B 212 -13.04 -26.73 -32.05
CA PRO B 212 -13.92 -25.73 -31.44
C PRO B 212 -15.34 -25.71 -32.03
N GLY B 213 -16.13 -24.76 -31.55
CA GLY B 213 -17.55 -24.66 -31.93
C GLY B 213 -18.37 -24.62 -30.67
N HIS B 214 -19.69 -24.67 -30.82
CA HIS B 214 -20.56 -24.50 -29.67
C HIS B 214 -21.81 -25.33 -29.77
N ILE B 215 -22.45 -25.51 -28.61
CA ILE B 215 -23.66 -26.32 -28.53
C ILE B 215 -24.79 -25.45 -29.07
N PRO B 216 -25.65 -25.99 -29.96
CA PRO B 216 -26.71 -25.13 -30.50
C PRO B 216 -27.60 -24.50 -29.44
N GLY B 217 -27.95 -23.24 -29.63
CA GLY B 217 -28.91 -22.55 -28.76
C GLY B 217 -28.32 -21.95 -27.49
N THR B 218 -27.01 -21.93 -27.40
CA THR B 218 -26.36 -21.44 -26.20
C THR B 218 -25.84 -20.04 -26.43
N VAL B 219 -25.65 -19.29 -25.35
CA VAL B 219 -25.16 -17.92 -25.41
C VAL B 219 -23.71 -17.81 -24.89
N ASN B 220 -22.87 -17.08 -25.60
CA ASN B 220 -21.46 -16.94 -25.21
C ASN B 220 -21.26 -15.72 -24.33
N ILE B 221 -20.89 -15.95 -23.09
CA ILE B 221 -20.44 -14.87 -22.24
C ILE B 221 -19.08 -15.27 -21.71
N PRO B 222 -18.03 -14.85 -22.40
CA PRO B 222 -16.69 -15.24 -21.98
C PRO B 222 -16.46 -14.89 -20.52
N PHE B 223 -15.76 -15.76 -19.79
CA PHE B 223 -15.60 -15.53 -18.37
C PHE B 223 -14.87 -14.24 -18.07
N THR B 224 -14.02 -13.81 -18.98
CA THR B 224 -13.32 -12.54 -18.82
C THR B 224 -14.27 -11.32 -18.73
N ASP B 225 -15.47 -11.40 -19.32
CA ASP B 225 -16.49 -10.34 -19.24
C ASP B 225 -16.99 -10.04 -17.81
N PHE B 226 -16.78 -10.96 -16.88
CA PHE B 226 -17.22 -10.76 -15.51
C PHE B 226 -16.15 -10.03 -14.69
N LEU B 227 -15.03 -9.72 -15.34
CA LEU B 227 -13.82 -9.24 -14.67
C LEU B 227 -13.36 -7.90 -15.24
N SER B 228 -12.86 -7.01 -14.39
CA SER B 228 -12.21 -5.79 -14.87
C SER B 228 -10.79 -6.07 -15.37
N GLN B 229 -10.11 -5.02 -15.84
CA GLN B 229 -8.70 -5.16 -16.25
C GLN B 229 -7.79 -5.46 -15.06
N GLU B 230 -8.16 -4.99 -13.86
CA GLU B 230 -7.43 -5.33 -12.62
C GLU B 230 -7.62 -6.82 -12.17
N GLY B 231 -8.54 -7.52 -12.80
CA GLY B 231 -8.84 -8.89 -12.42
C GLY B 231 -9.81 -8.97 -11.27
N LEU B 232 -10.48 -7.86 -10.98
CA LEU B 232 -11.45 -7.81 -9.89
C LEU B 232 -12.83 -8.08 -10.46
N GLU B 233 -13.70 -8.69 -9.66
CA GLU B 233 -15.05 -9.00 -10.09
C GLU B 233 -15.82 -7.70 -10.28
N LYS B 234 -16.57 -7.63 -11.37
CA LYS B 234 -17.47 -6.52 -11.62
C LYS B 234 -18.57 -6.46 -10.58
N SER B 235 -19.15 -5.28 -10.41
CA SER B 235 -20.25 -5.08 -9.48
C SER B 235 -21.50 -5.83 -9.92
N PRO B 236 -22.39 -6.16 -8.99
CA PRO B 236 -23.72 -6.70 -9.29
C PRO B 236 -24.50 -5.93 -10.37
N GLU B 237 -24.46 -4.60 -10.32
CA GLU B 237 -25.14 -3.78 -11.35
C GLU B 237 -24.57 -4.05 -12.73
N GLU B 238 -23.25 -4.03 -12.85
CA GLU B 238 -22.58 -4.25 -14.11
C GLU B 238 -22.75 -5.67 -14.64
N ILE B 239 -22.91 -6.64 -13.72
CA ILE B 239 -23.12 -8.02 -14.10
C ILE B 239 -24.58 -8.20 -14.57
N ARG B 240 -25.55 -7.59 -13.88
CA ARG B 240 -26.95 -7.57 -14.34
C ARG B 240 -27.02 -7.00 -15.75
N HIS B 241 -26.28 -5.94 -15.97
CA HIS B 241 -26.20 -5.29 -17.28
C HIS B 241 -25.60 -6.22 -18.30
N LEU B 242 -24.58 -6.97 -17.90
CA LEU B 242 -23.92 -7.91 -18.82
C LEU B 242 -24.87 -9.04 -19.19
N PHE B 243 -25.58 -9.57 -18.20
CA PHE B 243 -26.54 -10.64 -18.50
C PHE B 243 -27.64 -10.12 -19.43
N GLN B 244 -28.24 -8.98 -19.10
CA GLN B 244 -29.29 -8.33 -19.96
C GLN B 244 -28.83 -8.04 -21.37
N GLU B 245 -27.66 -7.41 -21.52
CA GLU B 245 -27.13 -7.08 -22.84
C GLU B 245 -26.81 -8.33 -23.67
N LYS B 246 -26.58 -9.46 -23.00
CA LYS B 246 -26.33 -10.73 -23.68
C LYS B 246 -27.62 -11.54 -23.86
N LYS B 247 -28.73 -10.97 -23.40
CA LYS B 247 -30.09 -11.52 -23.58
C LYS B 247 -30.30 -12.78 -22.76
N VAL B 248 -29.75 -12.76 -21.55
CA VAL B 248 -29.95 -13.82 -20.58
C VAL B 248 -30.79 -13.25 -19.44
N ASP B 249 -31.89 -13.92 -19.17
CA ASP B 249 -32.88 -13.47 -18.22
C ASP B 249 -32.62 -14.19 -16.90
N LEU B 250 -32.12 -13.47 -15.91
CA LEU B 250 -31.79 -14.06 -14.58
C LEU B 250 -33.00 -14.58 -13.80
N SER B 251 -34.22 -14.19 -14.21
CA SER B 251 -35.43 -14.66 -13.54
C SER B 251 -35.85 -16.06 -14.02
N LYS B 252 -35.18 -16.61 -15.03
CA LYS B 252 -35.50 -17.97 -15.53
C LYS B 252 -34.29 -18.91 -15.41
N PRO B 253 -34.51 -20.23 -15.47
CA PRO B 253 -33.41 -21.16 -15.24
C PRO B 253 -32.21 -20.94 -16.18
N LEU B 254 -31.03 -21.16 -15.62
CA LEU B 254 -29.78 -20.89 -16.30
C LEU B 254 -28.75 -21.93 -15.86
N VAL B 255 -28.08 -22.50 -16.86
CA VAL B 255 -27.04 -23.49 -16.73
C VAL B 255 -25.79 -22.97 -17.43
N ALA B 256 -24.62 -23.28 -16.90
CA ALA B 256 -23.37 -22.76 -17.44
C ALA B 256 -22.47 -23.92 -17.87
N THR B 257 -21.71 -23.68 -18.95
CA THR B 257 -20.86 -24.65 -19.59
C THR B 257 -19.61 -23.92 -20.10
N GLY B 259 -15.20 -25.12 -21.54
CA GLY B 259 -14.33 -26.12 -22.15
C GLY B 259 -14.36 -27.43 -21.43
N SER B 260 -14.31 -27.38 -20.12
CA SER B 260 -14.24 -28.59 -19.33
C SER B 260 -14.76 -28.43 -17.90
N GLY B 261 -15.68 -27.49 -17.68
CA GLY B 261 -16.36 -27.34 -16.42
C GLY B 261 -15.64 -26.52 -15.38
N VAL B 262 -14.60 -25.80 -15.81
CA VAL B 262 -13.84 -24.95 -14.91
C VAL B 262 -14.38 -23.50 -14.94
N THR B 263 -14.24 -22.80 -16.07
CA THR B 263 -14.57 -21.37 -16.11
C THR B 263 -16.07 -21.09 -16.10
N ALA B 264 -16.87 -22.07 -16.51
CA ALA B 264 -18.34 -21.98 -16.36
C ALA B 264 -18.76 -21.52 -14.94
N CYS B 265 -18.00 -21.89 -13.94
CA CYS B 265 -18.33 -21.48 -12.58
C CYS B 265 -18.30 -19.96 -12.37
N HIS B 266 -17.63 -19.23 -13.24
CA HIS B 266 -17.74 -17.76 -13.27
C HIS B 266 -19.15 -17.28 -13.59
N VAL B 267 -19.85 -18.03 -14.44
CA VAL B 267 -21.20 -17.68 -14.81
C VAL B 267 -22.07 -17.93 -13.58
N ALA B 268 -21.81 -19.04 -12.90
CA ALA B 268 -22.58 -19.32 -11.70
C ALA B 268 -22.28 -18.32 -10.59
N LEU B 269 -21.06 -17.83 -10.53
CA LEU B 269 -20.66 -16.82 -9.53
C LEU B 269 -21.31 -15.48 -9.80
N GLY B 270 -21.26 -15.05 -11.06
CA GLY B 270 -21.79 -13.74 -11.42
C GLY B 270 -23.27 -13.70 -11.07
N ALA B 271 -23.97 -14.75 -11.51
CA ALA B 271 -25.38 -14.92 -11.22
C ALA B 271 -25.63 -14.92 -9.74
N TYR B 272 -24.84 -15.71 -9.02
CA TYR B 272 -24.98 -15.80 -7.57
C TYR B 272 -24.81 -14.42 -6.93
N LEU B 273 -23.89 -13.61 -7.44
CA LEU B 273 -23.63 -12.31 -6.85
C LEU B 273 -24.75 -11.29 -7.16
N CYS B 274 -25.64 -11.65 -8.10
CA CYS B 274 -26.82 -10.86 -8.43
C CYS B 274 -28.09 -11.41 -7.82
N GLY B 275 -27.96 -12.43 -6.96
CA GLY B 275 -29.10 -12.99 -6.22
C GLY B 275 -29.76 -14.23 -6.80
N LYS B 276 -29.00 -15.02 -7.57
CA LYS B 276 -29.49 -16.26 -8.20
C LYS B 276 -28.46 -17.41 -7.99
N PRO B 277 -28.58 -18.13 -6.87
CA PRO B 277 -27.65 -19.21 -6.54
C PRO B 277 -27.93 -20.53 -7.23
N ASP B 278 -29.02 -20.62 -7.99
CA ASP B 278 -29.35 -21.85 -8.69
C ASP B 278 -28.84 -21.78 -10.11
N VAL B 279 -27.53 -21.96 -10.31
CA VAL B 279 -26.98 -22.12 -11.67
C VAL B 279 -26.13 -23.36 -11.75
N PRO B 280 -26.74 -24.50 -12.18
CA PRO B 280 -25.98 -25.73 -12.37
C PRO B 280 -24.91 -25.62 -13.46
N ILE B 281 -23.90 -26.49 -13.36
CA ILE B 281 -22.78 -26.60 -14.30
C ILE B 281 -22.87 -27.89 -15.13
N TYR B 282 -22.73 -27.75 -16.45
CA TYR B 282 -22.49 -28.91 -17.30
C TYR B 282 -21.03 -29.24 -17.10
N ASP B 283 -20.79 -30.18 -16.18
CA ASP B 283 -19.42 -30.55 -15.75
C ASP B 283 -18.63 -31.08 -16.97
N GLY B 284 -19.24 -31.96 -17.76
CA GLY B 284 -18.60 -32.51 -18.94
C GLY B 284 -18.19 -31.45 -19.93
N SER B 285 -19.08 -30.51 -20.17
CA SER B 285 -18.74 -29.36 -20.96
C SER B 285 -18.40 -29.70 -22.41
N TRP B 286 -17.74 -28.77 -23.09
CA TRP B 286 -17.51 -28.89 -24.52
C TRP B 286 -16.75 -30.14 -24.89
N VAL B 287 -15.73 -30.47 -24.11
CA VAL B 287 -14.92 -31.62 -24.45
C VAL B 287 -15.77 -32.90 -24.44
N GLU B 288 -16.68 -33.06 -23.47
CA GLU B 288 -17.62 -34.19 -23.50
C GLU B 288 -18.63 -34.07 -24.64
N TRP B 289 -19.12 -32.86 -24.86
CA TRP B 289 -20.08 -32.64 -25.92
C TRP B 289 -19.49 -33.01 -27.26
N TYR B 290 -18.33 -32.45 -27.57
CA TYR B 290 -17.62 -32.78 -28.78
C TYR B 290 -17.44 -34.30 -28.92
N MET B 291 -16.99 -34.98 -27.86
CA MET B 291 -16.75 -36.43 -27.92
C MET B 291 -18.02 -37.21 -28.24
N ARG B 292 -19.14 -36.85 -27.63
CA ARG B 292 -20.34 -37.67 -27.71
C ARG B 292 -21.26 -37.24 -28.83
N ALA B 293 -21.46 -35.94 -28.98
CA ALA B 293 -22.31 -35.42 -30.04
C ALA B 293 -21.61 -35.42 -31.40
N ARG B 294 -20.29 -35.22 -31.41
CA ARG B 294 -19.50 -35.36 -32.65
C ARG B 294 -19.98 -34.42 -33.74
N PRO B 295 -20.05 -33.12 -33.40
CA PRO B 295 -20.38 -32.13 -34.42
C PRO B 295 -19.40 -32.21 -35.57
N GLU B 296 -19.88 -32.06 -36.79
CA GLU B 296 -19.04 -32.27 -37.98
C GLU B 296 -18.71 -30.99 -38.71
N ASP B 297 -19.33 -29.88 -38.33
CA ASP B 297 -19.28 -28.67 -39.15
C ASP B 297 -18.04 -27.81 -38.91
N VAL B 298 -17.21 -28.15 -37.92
CA VAL B 298 -15.90 -27.52 -37.79
C VAL B 298 -14.80 -28.59 -37.93
N SER C 19 -8.94 14.32 32.60
CA SER C 19 -8.83 12.94 33.21
C SER C 19 -7.97 11.87 32.46
N HIS C 20 -7.23 11.11 33.27
CA HIS C 20 -6.52 9.91 32.86
C HIS C 20 -7.20 8.70 33.41
N VAL C 21 -7.53 7.75 32.53
CA VAL C 21 -8.17 6.53 32.94
C VAL C 21 -7.23 5.34 32.73
N SER C 22 -7.37 4.33 33.59
CA SER C 22 -6.56 3.15 33.54
C SER C 22 -7.14 2.14 32.54
N ALA C 23 -6.34 1.16 32.18
CA ALA C 23 -6.83 0.06 31.37
C ALA C 23 -8.03 -0.62 32.04
N GLN C 24 -7.97 -0.78 33.37
CA GLN C 24 -9.06 -1.42 34.11
C GLN C 24 -10.37 -0.60 34.04
N TRP C 25 -10.30 0.72 34.24
CA TRP C 25 -11.43 1.61 33.98
C TRP C 25 -12.04 1.35 32.62
N VAL C 26 -11.20 1.25 31.60
CA VAL C 26 -11.71 1.05 30.23
C VAL C 26 -12.38 -0.32 30.08
N ALA C 27 -11.72 -1.36 30.60
CA ALA C 27 -12.22 -2.73 30.47
C ALA C 27 -13.57 -2.84 31.16
N GLU C 28 -13.68 -2.25 32.34
CA GLU C 28 -14.92 -2.27 33.09
C GLU C 28 -15.96 -1.42 32.42
N ALA C 29 -15.59 -0.25 31.93
CA ALA C 29 -16.58 0.63 31.29
C ALA C 29 -17.16 -0.06 30.06
N LEU C 30 -16.32 -0.79 29.33
CA LEU C 30 -16.77 -1.48 28.13
C LEU C 30 -17.77 -2.58 28.40
N ARG C 31 -17.62 -3.20 29.56
CA ARG C 31 -18.51 -4.27 29.95
C ARG C 31 -19.70 -3.79 30.73
N ALA C 32 -19.77 -2.48 30.97
CA ALA C 32 -20.86 -1.94 31.81
C ALA C 32 -21.26 -0.57 31.36
N PRO C 33 -21.90 -0.48 30.19
CA PRO C 33 -22.25 0.88 29.76
C PRO C 33 -23.39 1.48 30.57
N ARG C 34 -23.32 2.80 30.73
CA ARG C 34 -24.27 3.59 31.48
C ARG C 34 -25.14 4.34 30.51
N ALA C 35 -26.45 4.18 30.65
CA ALA C 35 -27.40 4.72 29.69
C ALA C 35 -27.33 6.24 29.68
N GLY C 36 -27.26 6.82 28.49
CA GLY C 36 -27.24 8.27 28.31
C GLY C 36 -25.84 8.83 28.13
N GLN C 37 -24.83 8.02 28.45
CA GLN C 37 -23.44 8.46 28.33
C GLN C 37 -22.58 7.37 27.69
N PRO C 38 -22.75 7.15 26.39
CA PRO C 38 -21.96 6.09 25.77
C PRO C 38 -20.49 6.45 25.70
N LEU C 39 -19.68 5.41 25.66
CA LEU C 39 -18.26 5.46 25.56
C LEU C 39 -17.88 5.24 24.08
N GLN C 40 -16.92 6.00 23.57
CA GLN C 40 -16.30 5.71 22.27
C GLN C 40 -14.79 5.76 22.42
N LEU C 41 -14.15 4.63 22.12
CA LEU C 41 -12.69 4.54 22.11
C LEU C 41 -12.16 4.98 20.77
N LEU C 42 -11.05 5.69 20.80
CA LEU C 42 -10.41 6.13 19.57
C LEU C 42 -8.94 5.81 19.65
N ASP C 43 -8.45 5.06 18.66
CA ASP C 43 -7.00 4.93 18.42
C ASP C 43 -6.51 6.14 17.62
N ALA C 44 -5.65 6.95 18.24
CA ALA C 44 -5.15 8.16 17.60
C ALA C 44 -3.70 8.01 17.15
N SER C 45 -3.28 6.77 16.90
CA SER C 45 -1.90 6.48 16.56
C SER C 45 -1.46 7.23 15.29
N TRP C 46 -0.25 7.77 15.37
CA TRP C 46 0.39 8.56 14.34
C TRP C 46 1.88 8.48 14.60
N TYR C 47 2.66 8.36 13.53
CA TYR C 47 4.11 8.21 13.65
C TYR C 47 4.77 9.05 12.59
N LEU C 48 6.00 9.50 12.85
CA LEU C 48 6.81 10.06 11.79
C LEU C 48 7.14 8.97 10.76
N PRO C 49 7.22 9.33 9.48
CA PRO C 49 7.90 8.45 8.49
C PRO C 49 9.42 8.26 8.75
N ARG C 53 6.20 2.26 10.10
CA ARG C 53 4.99 2.22 10.90
C ARG C 53 3.80 2.81 10.14
N ASP C 54 2.73 2.02 9.99
CA ASP C 54 1.45 2.49 9.40
C ASP C 54 0.32 2.34 10.43
N ALA C 55 -0.12 3.48 10.94
CA ALA C 55 -1.07 3.51 12.03
C ALA C 55 -2.37 2.83 11.67
N ARG C 56 -2.91 3.15 10.50
CA ARG C 56 -4.21 2.60 10.11
C ARG C 56 -4.18 1.09 9.88
N ARG C 57 -3.19 0.58 9.17
CA ARG C 57 -3.05 -0.87 8.98
C ARG C 57 -2.92 -1.55 10.34
N GLU C 58 -2.08 -0.97 11.21
CA GLU C 58 -1.84 -1.53 12.52
C GLU C 58 -3.09 -1.53 13.37
N PHE C 59 -3.97 -0.54 13.15
CA PHE C 59 -5.26 -0.50 13.84
C PHE C 59 -6.07 -1.74 13.44
N GLU C 60 -6.06 -2.03 12.13
CA GLU C 60 -6.81 -3.15 11.58
C GLU C 60 -6.24 -4.48 12.07
N GLU C 61 -4.94 -4.53 12.33
CA GLU C 61 -4.31 -5.73 12.89
C GLU C 61 -4.57 -5.86 14.40
N ARG C 62 -4.59 -4.75 15.12
CA ARG C 62 -4.68 -4.74 16.61
C ARG C 62 -5.46 -3.53 17.13
N HIS C 63 -6.53 -3.74 17.87
CA HIS C 63 -7.15 -2.64 18.61
C HIS C 63 -8.05 -3.06 19.76
N ILE C 64 -8.26 -2.13 20.70
CA ILE C 64 -9.14 -2.33 21.83
C ILE C 64 -10.59 -2.42 21.34
N PRO C 65 -11.34 -3.44 21.79
CA PRO C 65 -12.69 -3.69 21.25
C PRO C 65 -13.61 -2.46 21.31
N GLY C 66 -14.23 -2.16 20.17
CA GLY C 66 -15.10 -0.99 20.06
C GLY C 66 -14.42 0.24 19.47
N ALA C 67 -13.09 0.29 19.55
CA ALA C 67 -12.36 1.47 19.14
C ALA C 67 -12.61 1.79 17.67
N ALA C 68 -12.55 3.06 17.33
CA ALA C 68 -12.45 3.53 15.96
C ALA C 68 -11.12 4.26 15.78
N PHE C 69 -10.68 4.37 14.54
CA PHE C 69 -9.39 4.95 14.24
C PHE C 69 -9.54 6.45 13.92
N PHE C 70 -8.78 7.29 14.62
CA PHE C 70 -8.86 8.71 14.43
C PHE C 70 -7.54 9.10 13.79
N ASP C 71 -7.58 9.54 12.53
CA ASP C 71 -6.39 9.91 11.74
C ASP C 71 -6.19 11.43 11.81
N ILE C 72 -5.13 11.89 12.46
CA ILE C 72 -4.93 13.33 12.60
C ILE C 72 -4.56 13.99 11.29
N ASP C 73 -3.96 13.23 10.38
CA ASP C 73 -3.61 13.79 9.10
C ASP C 73 -4.83 13.97 8.22
N GLN C 74 -5.89 13.20 8.47
CA GLN C 74 -7.13 13.33 7.72
C GLN C 74 -8.08 14.37 8.35
N CYS C 75 -8.19 14.38 9.67
CA CYS C 75 -9.05 15.35 10.36
C CYS C 75 -8.26 16.63 10.61
N SER C 76 -8.04 17.36 9.52
CA SER C 76 -7.13 18.47 9.50
C SER C 76 -7.51 19.46 8.43
N ASP C 77 -6.97 20.67 8.56
CA ASP C 77 -7.15 21.74 7.59
C ASP C 77 -6.82 21.27 6.19
N ARG C 78 -7.77 21.44 5.28
CA ARG C 78 -7.71 20.89 3.93
C ARG C 78 -6.91 21.72 2.94
N THR C 79 -6.63 22.98 3.27
CA THR C 79 -5.90 23.86 2.36
C THR C 79 -4.43 24.14 2.79
N SER C 80 -4.13 24.04 4.08
CA SER C 80 -2.76 24.30 4.56
C SER C 80 -1.77 23.29 3.97
N PRO C 81 -0.58 23.76 3.58
CA PRO C 81 0.50 22.88 3.15
C PRO C 81 1.13 22.09 4.30
N TYR C 82 0.89 22.52 5.54
CA TYR C 82 1.36 21.82 6.72
C TYR C 82 0.39 20.69 7.07
N ASP C 83 0.94 19.54 7.44
CA ASP C 83 0.13 18.40 7.89
C ASP C 83 -0.42 18.61 9.30
N HIS C 84 -1.59 18.01 9.52
CA HIS C 84 -2.32 18.05 10.76
C HIS C 84 -2.36 19.40 11.42
N MET C 85 -2.78 20.40 10.66
CA MET C 85 -3.21 21.66 11.24
C MET C 85 -4.68 21.49 11.64
N LEU C 86 -5.10 22.16 12.71
CA LEU C 86 -6.48 22.01 13.18
C LEU C 86 -7.46 22.23 12.04
N PRO C 87 -8.47 21.36 11.91
CA PRO C 87 -9.45 21.59 10.89
C PRO C 87 -10.38 22.69 11.32
N GLY C 88 -11.24 23.14 10.42
CA GLY C 88 -12.38 23.93 10.84
C GLY C 88 -13.40 23.12 11.61
N ALA C 89 -14.26 23.81 12.34
CA ALA C 89 -15.20 23.15 13.23
C ALA C 89 -16.17 22.24 12.49
N GLU C 90 -16.69 22.70 11.36
CA GLU C 90 -17.64 21.92 10.54
C GLU C 90 -17.01 20.56 10.18
N HIS C 91 -15.78 20.61 9.66
CA HIS C 91 -15.01 19.40 9.35
C HIS C 91 -14.79 18.53 10.56
N PHE C 92 -14.37 19.09 11.68
CA PHE C 92 -14.18 18.27 12.86
C PHE C 92 -15.47 17.54 13.23
N ALA C 93 -16.56 18.28 13.25
CA ALA C 93 -17.87 17.73 13.61
C ALA C 93 -18.32 16.61 12.70
N GLU C 94 -18.16 16.78 11.38
CA GLU C 94 -18.49 15.69 10.43
C GLU C 94 -17.60 14.49 10.64
N TYR C 95 -16.30 14.72 10.81
CA TYR C 95 -15.35 13.62 11.06
C TYR C 95 -15.63 12.86 12.35
N ALA C 96 -15.85 13.61 13.43
CA ALA C 96 -16.12 13.01 14.71
C ALA C 96 -17.45 12.25 14.72
N GLY C 97 -18.49 12.89 14.21
CA GLY C 97 -19.79 12.24 13.98
C GLY C 97 -19.68 10.89 13.31
N ARG C 98 -18.90 10.80 12.23
CA ARG C 98 -18.78 9.54 11.49
C ARG C 98 -18.00 8.48 12.25
N LEU C 99 -17.26 8.89 13.28
CA LEU C 99 -16.53 7.94 14.12
C LEU C 99 -17.35 7.53 15.34
N GLY C 100 -18.61 7.98 15.39
CA GLY C 100 -19.55 7.51 16.39
C GLY C 100 -19.55 8.35 17.67
N VAL C 101 -19.07 9.59 17.57
CA VAL C 101 -19.10 10.49 18.71
C VAL C 101 -20.25 11.44 18.52
N GLY C 102 -21.09 11.56 19.55
CA GLY C 102 -22.13 12.60 19.61
C GLY C 102 -21.87 13.48 20.83
N ALA C 103 -22.76 14.44 21.08
CA ALA C 103 -22.61 15.34 22.23
C ALA C 103 -22.57 14.59 23.56
N ALA C 104 -23.19 13.40 23.62
CA ALA C 104 -23.29 12.66 24.90
C ALA C 104 -22.14 11.68 25.15
N THR C 105 -21.32 11.46 24.14
CA THR C 105 -20.27 10.44 24.20
C THR C 105 -19.11 10.85 25.11
N HIS C 106 -18.66 9.96 25.97
CA HIS C 106 -17.39 10.13 26.66
C HIS C 106 -16.31 9.55 25.77
N VAL C 107 -15.49 10.43 25.19
CA VAL C 107 -14.44 9.97 24.28
C VAL C 107 -13.22 9.57 25.08
N VAL C 108 -12.65 8.42 24.75
CA VAL C 108 -11.43 7.97 25.38
C VAL C 108 -10.42 7.68 24.28
N ILE C 109 -9.25 8.29 24.40
CA ILE C 109 -8.28 8.24 23.35
C ILE C 109 -7.05 7.51 23.85
N TYR C 110 -6.46 6.74 22.94
CA TYR C 110 -5.23 6.04 23.19
C TYR C 110 -4.42 6.00 21.92
N ASP C 111 -3.18 5.58 22.04
CA ASP C 111 -2.41 5.22 20.87
C ASP C 111 -1.56 3.98 21.14
N ALA C 112 -0.96 3.45 20.09
CA ALA C 112 -0.14 2.23 20.19
C ALA C 112 1.36 2.47 20.15
N SER C 113 1.80 3.67 20.52
CA SER C 113 3.22 3.99 20.52
C SER C 113 3.99 3.18 21.55
N ASP C 114 5.28 3.06 21.31
CA ASP C 114 6.20 2.44 22.24
C ASP C 114 6.30 3.26 23.53
N GLN C 115 6.05 4.56 23.45
CA GLN C 115 6.15 5.42 24.63
C GLN C 115 4.92 5.28 25.52
N GLY C 116 3.89 4.58 25.04
CA GLY C 116 2.65 4.44 25.80
C GLY C 116 1.65 5.49 25.38
N LEU C 117 2.12 6.71 25.27
CA LEU C 117 1.30 7.83 24.98
C LEU C 117 2.14 8.77 24.11
N TYR C 118 1.68 9.05 22.90
CA TYR C 118 2.51 9.83 21.93
C TYR C 118 1.70 10.90 21.22
N SER C 119 0.75 10.45 20.40
CA SER C 119 -0.14 11.32 19.65
C SER C 119 -1.54 11.45 20.22
N ALA C 120 -1.90 10.60 21.18
CA ALA C 120 -3.24 10.67 21.74
C ALA C 120 -3.52 12.00 22.42
N PRO C 121 -2.51 12.56 23.11
CA PRO C 121 -2.82 13.86 23.73
C PRO C 121 -3.28 14.91 22.74
N ARG C 122 -2.73 14.89 21.52
CA ARG C 122 -3.14 15.86 20.50
C ARG C 122 -4.66 15.79 20.21
N VAL C 123 -5.20 14.58 20.14
CA VAL C 123 -6.63 14.43 19.87
C VAL C 123 -7.51 14.79 21.10
N TRP C 124 -7.05 14.43 22.29
CA TRP C 124 -7.67 14.87 23.53
C TRP C 124 -7.71 16.39 23.54
N TRP C 125 -6.57 17.00 23.26
CA TRP C 125 -6.53 18.44 23.12
C TRP C 125 -7.47 18.99 22.10
N MET C 126 -7.58 18.34 20.94
CA MET C 126 -8.52 18.74 19.88
C MET C 126 -9.98 18.76 20.33
N PHE C 127 -10.41 17.69 21.01
CA PHE C 127 -11.83 17.57 21.38
C PHE C 127 -12.17 18.73 22.33
N ARG C 128 -11.28 18.99 23.27
CA ARG C 128 -11.40 20.14 24.16
C ARG C 128 -11.47 21.49 23.41
N ALA C 129 -10.54 21.74 22.49
CA ALA C 129 -10.56 22.95 21.66
C ALA C 129 -11.88 23.17 20.97
N PHE C 130 -12.48 22.07 20.52
CA PHE C 130 -13.74 22.15 19.81
C PHE C 130 -14.95 22.01 20.75
N GLY C 131 -14.70 22.12 22.07
CA GLY C 131 -15.75 22.31 23.06
C GLY C 131 -16.40 21.03 23.56
N HIS C 132 -15.67 19.91 23.54
CA HIS C 132 -16.19 18.64 24.02
C HIS C 132 -15.34 18.20 25.15
N HIS C 133 -15.81 18.39 26.36
CA HIS C 133 -15.00 18.18 27.54
C HIS C 133 -15.02 16.79 28.12
N ALA C 134 -15.98 15.96 27.73
CA ALA C 134 -16.03 14.56 28.19
C ALA C 134 -15.11 13.76 27.31
N VAL C 135 -13.83 13.89 27.61
CA VAL C 135 -12.78 13.23 26.86
C VAL C 135 -11.66 12.86 27.82
N SER C 136 -11.13 11.66 27.67
CA SER C 136 -10.05 11.17 28.53
C SER C 136 -8.99 10.51 27.69
N LEU C 137 -7.87 10.24 28.32
CA LEU C 137 -6.78 9.51 27.71
C LEU C 137 -6.55 8.23 28.48
N LEU C 138 -6.42 7.12 27.76
CA LEU C 138 -5.98 5.86 28.33
C LEU C 138 -4.49 5.85 28.69
N ASP C 139 -4.22 5.88 29.98
CA ASP C 139 -2.88 5.85 30.54
C ASP C 139 -2.11 4.59 30.17
N GLY C 140 -0.93 4.77 29.61
CA GLY C 140 -0.12 3.66 29.08
C GLY C 140 -0.52 3.14 27.70
N GLY C 141 -1.63 3.63 27.17
CA GLY C 141 -2.14 3.21 25.85
C GLY C 141 -2.15 1.72 25.58
N LEU C 142 -2.01 1.35 24.32
CA LEU C 142 -2.10 -0.06 23.92
C LEU C 142 -0.91 -0.85 24.45
N ARG C 143 0.24 -0.21 24.64
CA ARG C 143 1.40 -0.92 25.14
C ARG C 143 1.08 -1.55 26.49
N HIS C 144 0.54 -0.74 27.40
CA HIS C 144 0.14 -1.22 28.72
C HIS C 144 -1.03 -2.21 28.68
N TRP C 145 -2.00 -1.96 27.82
CA TRP C 145 -3.12 -2.89 27.61
C TRP C 145 -2.66 -4.27 27.19
N LEU C 146 -1.63 -4.32 26.34
CA LEU C 146 -0.96 -5.57 25.95
C LEU C 146 -0.21 -6.25 27.10
N ARG C 147 0.44 -5.48 27.97
CA ARG C 147 1.08 -6.08 29.14
C ARG C 147 0.02 -6.76 30.00
N GLN C 148 -1.14 -6.12 30.12
CA GLN C 148 -2.22 -6.66 30.93
C GLN C 148 -2.95 -7.84 30.31
N ASN C 149 -2.64 -8.21 29.07
CA ASN C 149 -3.36 -9.26 28.34
C ASN C 149 -4.88 -9.07 28.38
N LEU C 150 -5.32 -7.86 28.05
CA LEU C 150 -6.74 -7.55 27.94
C LEU C 150 -7.22 -7.86 26.51
N PRO C 151 -8.55 -7.87 26.27
CA PRO C 151 -9.04 -8.31 24.98
C PRO C 151 -8.61 -7.43 23.80
N LEU C 152 -8.13 -8.06 22.73
CA LEU C 152 -7.79 -7.40 21.48
C LEU C 152 -8.75 -7.77 20.39
N SER C 153 -9.00 -6.84 19.47
CA SER C 153 -9.93 -7.03 18.38
C SER C 153 -9.20 -6.75 17.05
N SER C 154 -9.91 -7.00 15.94
CA SER C 154 -9.33 -6.99 14.59
C SER C 154 -10.30 -6.45 13.54
N GLY C 155 -9.76 -6.12 12.38
CA GLY C 155 -10.54 -5.64 11.24
C GLY C 155 -10.92 -4.18 11.35
N LYS C 156 -11.64 -3.69 10.35
CA LYS C 156 -12.21 -2.35 10.37
C LYS C 156 -13.34 -2.31 11.39
N SER C 157 -13.22 -1.46 12.40
CA SER C 157 -14.35 -1.14 13.27
C SER C 157 -15.04 0.07 12.68
N GLN C 158 -16.23 -0.14 12.11
CA GLN C 158 -17.05 0.95 11.61
C GLN C 158 -18.22 1.14 12.57
N PRO C 159 -18.14 2.18 13.43
CA PRO C 159 -19.15 2.37 14.45
C PRO C 159 -20.35 3.08 13.88
N ALA C 160 -21.44 3.13 14.63
CA ALA C 160 -22.67 3.77 14.17
C ALA C 160 -22.54 5.30 14.14
N PRO C 161 -22.84 5.93 13.00
CA PRO C 161 -22.84 7.38 12.87
C PRO C 161 -23.51 8.11 14.02
N ALA C 162 -23.05 9.32 14.30
CA ALA C 162 -23.60 10.13 15.38
C ALA C 162 -23.53 11.60 15.01
N GLU C 163 -24.32 12.41 15.71
CA GLU C 163 -24.41 13.83 15.41
C GLU C 163 -23.53 14.59 16.39
N PHE C 164 -22.53 15.29 15.87
CA PHE C 164 -21.58 16.07 16.69
C PHE C 164 -21.71 17.54 16.34
N ARG C 165 -21.71 18.41 17.35
CA ARG C 165 -21.67 19.85 17.16
C ARG C 165 -20.34 20.35 17.73
N ALA C 166 -19.70 21.30 17.04
CA ALA C 166 -18.35 21.73 17.39
C ALA C 166 -18.26 23.22 17.33
N GLN C 167 -17.41 23.76 18.17
CA GLN C 167 -17.20 25.17 18.20
C GLN C 167 -15.80 25.36 18.71
N LEU C 168 -14.98 26.00 17.88
CA LEU C 168 -13.57 26.16 18.16
C LEU C 168 -13.41 27.34 19.11
N ASP C 169 -12.73 27.11 20.21
CA ASP C 169 -12.22 28.21 21.05
C ASP C 169 -10.83 28.58 20.52
N PRO C 170 -10.70 29.75 19.88
CA PRO C 170 -9.44 30.10 19.24
C PRO C 170 -8.28 30.32 20.23
N ALA C 171 -8.57 30.51 21.51
CA ALA C 171 -7.53 30.64 22.52
C ALA C 171 -6.71 29.38 22.74
N PHE C 172 -7.15 28.25 22.19
CA PHE C 172 -6.37 27.01 22.25
C PHE C 172 -5.13 27.01 21.34
N ILE C 173 -5.04 27.98 20.42
CA ILE C 173 -4.07 28.00 19.33
C ILE C 173 -3.24 29.27 19.39
N LYS C 174 -1.92 29.15 19.24
CA LYS C 174 -1.10 30.30 18.85
C LYS C 174 -0.70 30.12 17.40
N THR C 175 -0.53 31.25 16.70
CA THR C 175 0.00 31.30 15.32
C THR C 175 1.45 31.76 15.30
N TYR C 176 2.04 31.65 14.13
CA TYR C 176 3.38 32.08 13.90
C TYR C 176 3.61 33.54 14.32
N GLU C 177 2.67 34.42 13.95
CA GLU C 177 2.72 35.83 14.33
C GLU C 177 2.72 36.03 15.84
N ASP C 178 1.86 35.28 16.54
CA ASP C 178 1.84 35.35 18.01
C ASP C 178 3.18 35.04 18.61
N ILE C 179 3.77 33.94 18.14
CA ILE C 179 5.06 33.46 18.64
C ILE C 179 6.16 34.48 18.35
N LYS C 180 6.15 35.02 17.13
CA LYS C 180 7.11 36.02 16.71
C LYS C 180 7.01 37.32 17.54
N GLU C 181 5.79 37.83 17.72
CA GLU C 181 5.54 39.01 18.55
C GLU C 181 5.90 38.80 20.02
N ASN C 182 5.74 37.57 20.50
CA ASN C 182 6.06 37.24 21.87
C ASN C 182 7.58 37.27 22.14
N LEU C 183 8.41 37.24 21.10
CA LEU C 183 9.87 37.41 21.30
C LEU C 183 10.20 38.83 21.78
N GLU C 184 9.29 39.76 21.51
CA GLU C 184 9.41 41.13 21.97
C GLU C 184 8.69 41.28 23.29
N SER C 185 7.41 40.93 23.31
CA SER C 185 6.59 41.21 24.46
C SER C 185 6.78 40.26 25.65
N ARG C 186 7.30 39.05 25.44
CA ARG C 186 7.44 38.03 26.48
C ARG C 186 6.16 37.81 27.31
N ARG C 187 5.00 37.99 26.70
CA ARG C 187 3.73 37.75 27.39
C ARG C 187 3.59 36.30 27.84
N PHE C 188 4.18 35.33 27.14
CA PHE C 188 4.04 33.96 27.60
C PHE C 188 5.34 33.19 27.48
N GLN C 189 5.46 32.24 28.38
CA GLN C 189 6.55 31.29 28.34
C GLN C 189 6.22 30.31 27.22
N VAL C 190 7.25 29.70 26.67
CA VAL C 190 7.10 28.73 25.59
C VAL C 190 7.97 27.52 25.91
N VAL C 191 7.33 26.34 25.89
CA VAL C 191 8.00 25.08 26.13
C VAL C 191 7.93 24.24 24.85
N ASP C 192 9.07 23.68 24.49
CA ASP C 192 9.23 22.88 23.31
C ASP C 192 9.40 21.45 23.77
N SER C 193 8.56 20.56 23.25
CA SER C 193 8.52 19.19 23.73
C SER C 193 9.30 18.18 22.89
N ARG C 194 10.14 18.63 21.96
CA ARG C 194 10.97 17.70 21.19
C ARG C 194 12.16 17.17 22.03
N ALA C 195 12.70 16.02 21.61
CA ALA C 195 13.97 15.47 22.12
C ALA C 195 15.08 16.53 22.12
N THR C 196 15.94 16.46 23.13
CA THR C 196 16.98 17.48 23.37
C THR C 196 17.88 17.69 22.14
N GLY C 197 18.16 16.60 21.44
CA GLY C 197 19.04 16.66 20.29
C GLY C 197 18.53 17.56 19.18
N ARG C 198 17.22 17.50 18.94
CA ARG C 198 16.59 18.28 17.91
C ARG C 198 16.52 19.73 18.36
N PHE C 199 16.13 19.91 19.62
CA PHE C 199 16.06 21.23 20.19
C PHE C 199 17.42 21.94 20.17
N ARG C 200 18.50 21.23 20.51
CA ARG C 200 19.83 21.81 20.55
C ARG C 200 20.50 21.84 19.19
N GLY C 201 19.91 21.17 18.19
CA GLY C 201 20.41 21.28 16.83
C GLY C 201 21.50 20.28 16.49
N THR C 202 21.63 19.23 17.30
CA THR C 202 22.66 18.20 17.08
C THR C 202 22.14 16.86 16.54
N GLU C 203 20.81 16.71 16.41
CA GLU C 203 20.20 15.56 15.74
C GLU C 203 19.28 16.12 14.64
N PRO C 204 19.11 15.39 13.54
CA PRO C 204 18.36 15.98 12.45
C PRO C 204 16.87 16.06 12.75
N GLU C 205 16.16 16.94 12.06
CA GLU C 205 14.72 16.93 12.09
C GLU C 205 14.21 15.89 11.12
N PRO C 206 13.13 15.21 11.47
CA PRO C 206 12.66 14.09 10.68
C PRO C 206 11.80 14.51 9.49
N ARG C 207 12.01 15.71 8.97
CA ARG C 207 11.28 16.22 7.81
C ARG C 207 12.25 16.74 6.76
N ASP C 208 11.95 16.45 5.51
CA ASP C 208 12.80 16.83 4.37
C ASP C 208 12.93 18.36 4.28
N GLY C 209 14.17 18.84 4.30
CA GLY C 209 14.43 20.27 4.16
C GLY C 209 14.53 21.08 5.45
N ILE C 210 14.20 20.46 6.58
CA ILE C 210 14.08 21.19 7.84
C ILE C 210 15.33 20.92 8.64
N GLU C 211 15.96 21.97 9.15
CA GLU C 211 17.10 21.83 10.05
C GLU C 211 16.59 21.81 11.47
N PRO C 212 17.33 21.19 12.37
CA PRO C 212 16.99 21.26 13.77
C PRO C 212 17.34 22.63 14.40
N GLY C 213 17.12 22.75 15.70
CA GLY C 213 17.38 24.01 16.43
C GLY C 213 16.10 24.41 17.16
N HIS C 214 16.08 25.61 17.74
CA HIS C 214 14.91 26.05 18.52
C HIS C 214 14.59 27.51 18.36
N ILE C 215 13.39 27.90 18.78
CA ILE C 215 12.97 29.30 18.78
C ILE C 215 13.66 30.02 19.97
N PRO C 216 14.20 31.22 19.73
CA PRO C 216 14.85 31.93 20.84
C PRO C 216 13.93 32.15 22.04
N GLY C 217 14.49 32.01 23.23
CA GLY C 217 13.74 32.23 24.47
C GLY C 217 12.85 31.08 24.89
N THR C 218 13.08 29.87 24.37
CA THR C 218 12.20 28.75 24.70
C THR C 218 12.90 27.78 25.63
N VAL C 219 12.09 26.99 26.33
CA VAL C 219 12.54 25.97 27.29
C VAL C 219 12.19 24.58 26.73
N ASN C 220 13.18 23.69 26.70
CA ASN C 220 13.00 22.34 26.23
C ASN C 220 12.51 21.48 27.39
N ILE C 221 11.33 20.88 27.25
CA ILE C 221 10.92 19.82 28.13
C ILE C 221 10.46 18.68 27.21
N PRO C 222 11.37 17.75 26.94
CA PRO C 222 11.00 16.64 26.05
C PRO C 222 9.74 15.94 26.56
N PHE C 223 8.84 15.56 25.67
CA PHE C 223 7.58 14.95 26.10
C PHE C 223 7.83 13.69 26.93
N THR C 224 8.91 12.97 26.64
CA THR C 224 9.30 11.76 27.42
C THR C 224 9.49 12.01 28.92
N ASP C 225 9.84 13.24 29.29
CA ASP C 225 9.98 13.60 30.70
C ASP C 225 8.67 13.55 31.46
N PHE C 226 7.53 13.60 30.78
CA PHE C 226 6.22 13.53 31.45
C PHE C 226 5.77 12.08 31.68
N LEU C 227 6.55 11.13 31.17
CA LEU C 227 6.21 9.71 31.22
C LEU C 227 7.19 8.90 32.10
N SER C 228 6.64 7.95 32.83
CA SER C 228 7.43 7.05 33.64
C SER C 228 8.04 6.02 32.73
N GLN C 229 8.86 5.18 33.35
CA GLN C 229 9.64 4.19 32.65
C GLN C 229 8.70 3.20 31.89
N GLU C 230 7.50 2.95 32.44
CA GLU C 230 6.53 2.00 31.84
C GLU C 230 5.47 2.65 30.92
N GLY C 231 5.70 3.88 30.46
CA GLY C 231 4.74 4.57 29.61
C GLY C 231 3.49 5.12 30.29
N LEU C 232 3.54 5.25 31.62
CA LEU C 232 2.43 5.81 32.36
C LEU C 232 2.71 7.27 32.68
N GLU C 233 1.66 8.07 32.70
CA GLU C 233 1.81 9.47 33.08
C GLU C 233 2.36 9.55 34.52
N LYS C 234 3.34 10.42 34.72
CA LYS C 234 3.82 10.71 36.06
C LYS C 234 2.70 11.38 36.84
N SER C 235 2.87 11.43 38.16
CA SER C 235 1.86 12.01 39.05
C SER C 235 1.87 13.54 39.00
N PRO C 236 0.77 14.17 39.44
CA PRO C 236 0.73 15.62 39.47
C PRO C 236 1.89 16.32 40.22
N GLU C 237 2.41 15.71 41.28
CA GLU C 237 3.50 16.31 42.04
C GLU C 237 4.83 16.13 41.32
N GLU C 238 5.02 14.95 40.71
CA GLU C 238 6.20 14.72 39.88
C GLU C 238 6.24 15.70 38.71
N ILE C 239 5.09 15.94 38.07
CA ILE C 239 4.98 16.89 36.95
C ILE C 239 5.17 18.32 37.41
N ARG C 240 4.57 18.69 38.54
CA ARG C 240 4.79 20.00 39.15
C ARG C 240 6.28 20.25 39.44
N HIS C 241 6.98 19.26 39.98
CA HIS C 241 8.42 19.38 40.21
C HIS C 241 9.20 19.53 38.94
N LEU C 242 8.73 18.84 37.89
CA LEU C 242 9.36 18.88 36.57
C LEU C 242 9.38 20.30 36.02
N PHE C 243 8.22 20.93 36.01
CA PHE C 243 8.09 22.32 35.58
C PHE C 243 8.99 23.27 36.41
N GLN C 244 9.02 23.11 37.74
CA GLN C 244 9.89 23.92 38.59
C GLN C 244 11.38 23.68 38.29
N GLU C 245 11.81 22.43 38.17
CA GLU C 245 13.20 22.17 37.77
C GLU C 245 13.54 22.86 36.43
N LYS C 246 12.55 23.03 35.55
CA LYS C 246 12.78 23.68 34.24
C LYS C 246 12.55 25.19 34.23
N LYS C 247 12.32 25.77 35.41
CA LYS C 247 12.11 27.20 35.58
C LYS C 247 10.86 27.65 34.80
N VAL C 248 9.87 26.77 34.75
CA VAL C 248 8.58 27.11 34.20
C VAL C 248 7.64 27.37 35.37
N ASP C 249 7.06 28.55 35.36
CA ASP C 249 6.15 29.02 36.40
C ASP C 249 4.71 28.77 35.93
N LEU C 250 4.03 27.82 36.56
CA LEU C 250 2.63 27.46 36.22
C LEU C 250 1.59 28.50 36.61
N SER C 251 1.97 29.50 37.39
CA SER C 251 1.12 30.66 37.66
C SER C 251 1.13 31.68 36.53
N LYS C 252 2.00 31.53 35.54
CA LYS C 252 2.08 32.50 34.44
C LYS C 252 1.73 31.89 33.08
N PRO C 253 1.33 32.73 32.11
CA PRO C 253 0.89 32.20 30.82
C PRO C 253 1.95 31.32 30.15
N LEU C 254 1.50 30.25 29.51
CA LEU C 254 2.40 29.20 29.01
C LEU C 254 1.88 28.67 27.69
N VAL C 255 2.79 28.47 26.75
CA VAL C 255 2.44 27.97 25.42
C VAL C 255 3.37 26.83 25.04
N ALA C 256 2.83 25.84 24.34
CA ALA C 256 3.63 24.65 23.99
C ALA C 256 3.83 24.53 22.49
N THR C 257 4.98 24.01 22.11
CA THR C 257 5.40 23.85 20.72
C THR C 257 6.19 22.56 20.60
N GLY C 259 7.68 19.60 17.15
CA GLY C 259 8.01 19.45 15.75
C GLY C 259 6.93 19.93 14.82
N SER C 260 5.70 19.54 15.12
CA SER C 260 4.57 19.80 14.22
C SER C 260 3.22 19.86 14.93
N GLY C 261 3.24 20.19 16.21
CA GLY C 261 2.00 20.41 16.96
C GLY C 261 1.41 19.16 17.59
N VAL C 262 2.14 18.07 17.57
CA VAL C 262 1.67 16.82 18.15
C VAL C 262 2.15 16.57 19.58
N THR C 263 3.44 16.38 19.82
CA THR C 263 3.88 16.09 21.19
C THR C 263 3.73 17.27 22.15
N ALA C 264 3.58 18.47 21.60
CA ALA C 264 3.42 19.65 22.43
C ALA C 264 2.26 19.50 23.36
N CYS C 265 1.29 18.65 22.99
CA CYS C 265 0.08 18.45 23.76
C CYS C 265 0.34 17.67 25.05
N HIS C 266 1.46 16.93 25.11
CA HIS C 266 1.94 16.39 26.38
C HIS C 266 2.22 17.52 27.40
N VAL C 267 2.68 18.68 26.93
CA VAL C 267 2.94 19.78 27.85
C VAL C 267 1.59 20.33 28.32
N ALA C 268 0.68 20.56 27.38
CA ALA C 268 -0.64 21.05 27.76
C ALA C 268 -1.30 20.05 28.75
N LEU C 269 -1.11 18.76 28.50
CA LEU C 269 -1.64 17.73 29.39
C LEU C 269 -1.00 17.77 30.78
N GLY C 270 0.33 17.82 30.85
CA GLY C 270 1.01 17.84 32.13
C GLY C 270 0.59 19.04 32.95
N ALA C 271 0.41 20.17 32.28
CA ALA C 271 -0.08 21.38 32.93
C ALA C 271 -1.55 21.20 33.33
N TYR C 272 -2.36 20.65 32.44
CA TYR C 272 -3.76 20.33 32.76
C TYR C 272 -3.85 19.52 34.05
N LEU C 273 -3.08 18.43 34.14
CA LEU C 273 -3.09 17.61 35.34
C LEU C 273 -2.60 18.36 36.59
N CYS C 274 -1.85 19.45 36.43
CA CYS C 274 -1.38 20.26 37.57
C CYS C 274 -2.34 21.38 37.94
N GLY C 275 -3.54 21.39 37.37
CA GLY C 275 -4.49 22.46 37.64
C GLY C 275 -4.44 23.68 36.73
N LYS C 276 -3.79 23.56 35.56
CA LYS C 276 -3.73 24.70 34.62
C LYS C 276 -4.27 24.29 33.24
N PRO C 277 -5.57 24.54 32.98
CA PRO C 277 -6.22 24.10 31.74
C PRO C 277 -5.88 24.91 30.48
N ASP C 278 -5.28 26.09 30.66
CA ASP C 278 -5.10 27.03 29.55
C ASP C 278 -3.63 27.06 29.11
N VAL C 279 -3.20 26.02 28.39
CA VAL C 279 -1.91 26.03 27.71
C VAL C 279 -2.14 25.93 26.20
N PRO C 280 -2.21 27.07 25.52
CA PRO C 280 -2.41 27.00 24.06
C PRO C 280 -1.25 26.30 23.33
N ILE C 281 -1.52 25.82 22.13
CA ILE C 281 -0.53 25.06 21.35
C ILE C 281 -0.11 25.87 20.14
N TYR C 282 1.18 26.00 19.90
CA TYR C 282 1.62 26.52 18.58
C TYR C 282 1.49 25.40 17.53
N ASP C 283 0.38 25.40 16.82
CA ASP C 283 0.02 24.31 15.90
C ASP C 283 1.04 24.17 14.75
N GLY C 284 1.39 25.28 14.11
CA GLY C 284 2.45 25.27 13.12
C GLY C 284 3.75 24.64 13.59
N SER C 285 4.19 25.02 14.79
CA SER C 285 5.35 24.43 15.41
C SER C 285 6.64 24.62 14.62
N TRP C 286 7.65 23.79 14.88
CA TRP C 286 8.97 24.05 14.37
C TRP C 286 8.98 23.99 12.88
N VAL C 287 8.20 23.09 12.28
CA VAL C 287 8.21 23.01 10.80
C VAL C 287 7.75 24.32 10.16
N GLU C 288 6.68 24.89 10.69
CA GLU C 288 6.25 26.21 10.24
C GLU C 288 7.25 27.29 10.59
N TRP C 289 7.78 27.27 11.80
CA TRP C 289 8.77 28.28 12.19
C TRP C 289 9.97 28.24 11.30
N TYR C 290 10.54 27.05 11.09
CA TYR C 290 11.71 26.92 10.21
C TYR C 290 11.42 27.44 8.80
N MET C 291 10.25 27.06 8.26
CA MET C 291 9.84 27.48 6.92
C MET C 291 9.78 28.99 6.82
N ARG C 292 9.14 29.63 7.79
CA ARG C 292 8.83 31.05 7.68
C ARG C 292 9.93 31.96 8.24
N ALA C 293 10.52 31.63 9.37
CA ALA C 293 11.57 32.48 9.95
C ALA C 293 12.96 32.20 9.35
N ARG C 294 13.12 31.00 8.81
CA ARG C 294 14.36 30.46 8.27
C ARG C 294 15.64 30.81 9.00
N PRO C 295 15.80 30.22 10.19
CA PRO C 295 17.07 30.33 10.89
C PRO C 295 18.21 29.73 10.06
N GLU C 296 19.35 30.39 10.07
CA GLU C 296 20.49 30.01 9.23
C GLU C 296 21.62 29.35 10.00
N ASP C 297 21.55 29.33 11.32
CA ASP C 297 22.72 29.00 12.17
C ASP C 297 23.06 27.49 12.33
N VAL C 298 22.11 26.62 11.99
CA VAL C 298 22.35 25.18 12.07
C VAL C 298 22.53 24.54 10.67
#